data_7RRL
#
_entry.id   7RRL
#
_cell.length_a   67.875
_cell.length_b   62.593
_cell.length_c   74.322
_cell.angle_alpha   90.000
_cell.angle_beta   91.219
_cell.angle_gamma   90.000
#
_symmetry.space_group_name_H-M   'P 1 21 1'
#
loop_
_entity.id
_entity.type
_entity.pdbx_description
1 polymer 'Malate dehydrogenase, cytoplasmic'
2 water water
#
_entity_poly.entity_id   1
_entity_poly.type   'polypeptide(L)'
_entity_poly.pdbx_seq_one_letter_code
;MSEPIRVLVTGAAGQIAYSLLYSIGNGSVFGKDQPIILVLLDITPMMGVLDGVLMELQDCALPLLKDVIATDKEDVAFKD
LDVAILVGSMPRREGMERKDLLKANVKIFKSQGAALDKYAKKSVKVIVVGNPANTNCLTASKSAPSIPKENFSCLTRLDH
NRAKAQIALKLGVTANDVKNVIIWGNHSSTQYPDVNHAKVKLQGKEVGVYEALKDDSWLKGEFVTTVQQRGAAVIKARKL
SSAMSAAKAICDHVRDIWFGTPEGEFVSMGVISDGNSYGVPDDLLYSFPVVIKNKTWKFVEGLPINDFSREKMDLTAKEL
TEEKESAFEFLSSA
;
_entity_poly.pdbx_strand_id   A,B
#
# COMPACT_ATOMS: atom_id res chain seq x y z
N MET A 1 -19.44 -12.98 5.56
CA MET A 1 -20.49 -12.58 4.61
C MET A 1 -21.08 -13.82 3.93
N SER A 2 -22.29 -13.66 3.36
CA SER A 2 -22.95 -14.74 2.64
C SER A 2 -22.07 -15.33 1.54
N GLU A 3 -21.43 -14.48 0.73
CA GLU A 3 -20.68 -14.99 -0.41
C GLU A 3 -19.50 -14.08 -0.71
N PRO A 4 -18.36 -14.64 -1.07
CA PRO A 4 -17.27 -13.80 -1.58
C PRO A 4 -17.72 -13.09 -2.85
N ILE A 5 -17.21 -11.89 -3.07
CA ILE A 5 -17.39 -11.22 -4.35
C ILE A 5 -16.14 -11.43 -5.20
N ARG A 6 -16.33 -11.60 -6.51
CA ARG A 6 -15.22 -11.76 -7.45
C ARG A 6 -14.83 -10.38 -7.96
N VAL A 7 -13.60 -9.96 -7.69
CA VAL A 7 -13.10 -8.65 -8.10
C VAL A 7 -11.94 -8.86 -9.05
N LEU A 8 -12.08 -8.37 -10.28
CA LEU A 8 -11.02 -8.45 -11.27
C LEU A 8 -10.19 -7.18 -11.28
N VAL A 9 -8.87 -7.31 -11.29
CA VAL A 9 -7.95 -6.21 -11.59
C VAL A 9 -7.15 -6.58 -12.84
N THR A 10 -7.21 -5.75 -13.88
CA THR A 10 -6.38 -5.94 -15.06
C THR A 10 -5.10 -5.14 -14.92
N GLY A 11 -4.20 -5.33 -15.89
CA GLY A 11 -2.85 -4.81 -15.72
C GLY A 11 -2.23 -5.25 -14.42
N ALA A 12 -2.50 -6.48 -13.99
CA ALA A 12 -2.25 -6.85 -12.61
C ALA A 12 -0.77 -7.04 -12.28
N ALA A 13 0.12 -7.12 -13.27
CA ALA A 13 1.54 -7.18 -12.97
C ALA A 13 2.20 -5.81 -12.89
N GLY A 14 1.43 -4.73 -13.03
CA GLY A 14 1.98 -3.41 -13.11
C GLY A 14 1.98 -2.67 -11.78
N GLN A 15 2.45 -1.42 -11.86
CA GLN A 15 2.79 -0.68 -10.65
C GLN A 15 1.55 -0.21 -9.91
N ILE A 16 0.51 0.23 -10.63
CA ILE A 16 -0.71 0.66 -9.96
C ILE A 16 -1.35 -0.51 -9.23
N ALA A 17 -1.43 -1.66 -9.88
CA ALA A 17 -2.03 -2.83 -9.24
C ALA A 17 -1.22 -3.27 -8.04
N TYR A 18 0.11 -3.13 -8.11
CA TYR A 18 0.94 -3.53 -6.96
C TYR A 18 0.62 -2.71 -5.71
N SER A 19 0.26 -1.44 -5.87
CA SER A 19 -0.13 -0.62 -4.70
C SER A 19 -1.59 -0.78 -4.32
N LEU A 20 -2.40 -1.44 -5.15
CA LEU A 20 -3.84 -1.57 -4.94
C LEU A 20 -4.27 -2.90 -4.30
N LEU A 21 -3.57 -4.00 -4.61
CA LEU A 21 -4.07 -5.33 -4.25
C LEU A 21 -4.18 -5.51 -2.74
N TYR A 22 -3.18 -5.05 -1.98
CA TYR A 22 -3.22 -5.22 -0.54
C TYR A 22 -4.47 -4.57 0.07
N SER A 23 -4.80 -3.35 -0.35
CA SER A 23 -5.99 -2.68 0.19
C SER A 23 -7.28 -3.43 -0.13
N ILE A 24 -7.34 -4.10 -1.28
CA ILE A 24 -8.51 -4.93 -1.56
C ILE A 24 -8.51 -6.14 -0.65
N GLY A 25 -7.38 -6.85 -0.58
CA GLY A 25 -7.31 -8.07 0.19
C GLY A 25 -7.47 -7.89 1.68
N ASN A 26 -7.19 -6.70 2.20
CA ASN A 26 -7.21 -6.55 3.65
C ASN A 26 -8.52 -6.03 4.18
N GLY A 27 -9.50 -5.80 3.31
CA GLY A 27 -10.82 -5.37 3.71
C GLY A 27 -11.08 -3.88 3.69
N SER A 28 -10.13 -3.05 3.24
CA SER A 28 -10.30 -1.61 3.38
C SER A 28 -11.16 -0.98 2.28
N VAL A 29 -11.47 -1.74 1.23
CA VAL A 29 -12.27 -1.25 0.13
C VAL A 29 -13.69 -1.75 0.24
N PHE A 30 -13.86 -3.07 0.38
CA PHE A 30 -15.18 -3.66 0.31
C PHE A 30 -15.77 -3.97 1.68
N GLY A 31 -15.03 -3.74 2.74
CA GLY A 31 -15.54 -3.95 4.08
C GLY A 31 -14.85 -5.07 4.83
N LYS A 32 -14.68 -4.88 6.15
CA LYS A 32 -13.95 -5.84 6.99
C LYS A 32 -14.69 -7.16 7.15
N ASP A 33 -15.94 -7.28 6.71
CA ASP A 33 -16.65 -8.55 6.77
C ASP A 33 -16.98 -9.09 5.39
N GLN A 34 -16.25 -8.67 4.35
CA GLN A 34 -16.56 -9.09 2.98
C GLN A 34 -15.43 -9.95 2.42
N PRO A 35 -15.60 -11.26 2.31
CA PRO A 35 -14.59 -12.08 1.63
C PRO A 35 -14.48 -11.73 0.16
N ILE A 36 -13.30 -11.96 -0.39
CA ILE A 36 -13.00 -11.54 -1.75
C ILE A 36 -12.30 -12.68 -2.48
N ILE A 37 -12.79 -12.97 -3.69
CA ILE A 37 -12.07 -13.76 -4.67
C ILE A 37 -11.42 -12.79 -5.64
N LEU A 38 -10.10 -12.70 -5.60
CA LEU A 38 -9.36 -11.74 -6.41
C LEU A 38 -8.90 -12.40 -7.71
N VAL A 39 -9.24 -11.77 -8.83
CA VAL A 39 -8.90 -12.26 -10.15
C VAL A 39 -7.97 -11.25 -10.80
N LEU A 40 -6.84 -11.72 -11.31
CA LEU A 40 -5.78 -10.85 -11.82
C LEU A 40 -5.50 -11.18 -13.27
N LEU A 41 -5.58 -10.18 -14.14
CA LEU A 41 -5.33 -10.36 -15.57
C LEU A 41 -4.14 -9.50 -16.00
N ASP A 42 -3.28 -10.07 -16.82
CA ASP A 42 -2.27 -9.29 -17.53
C ASP A 42 -1.88 -10.07 -18.77
N ILE A 43 -0.97 -9.50 -19.55
CA ILE A 43 -0.54 -10.14 -20.79
C ILE A 43 0.29 -11.37 -20.47
N THR A 44 0.34 -12.30 -21.44
CA THR A 44 1.06 -13.56 -21.28
C THR A 44 2.52 -13.40 -20.83
N PRO A 45 3.34 -12.49 -21.39
CA PRO A 45 4.72 -12.39 -20.90
C PRO A 45 4.84 -11.95 -19.44
N MET A 46 3.79 -11.40 -18.82
CA MET A 46 3.86 -10.99 -17.42
C MET A 46 3.37 -12.06 -16.44
N MET A 47 3.11 -13.28 -16.90
CA MET A 47 2.52 -14.25 -15.99
C MET A 47 3.50 -14.69 -14.91
N GLY A 48 4.79 -14.65 -15.20
CA GLY A 48 5.77 -14.99 -14.18
C GLY A 48 5.82 -13.97 -13.06
N VAL A 49 5.77 -12.68 -13.41
CA VAL A 49 5.68 -11.64 -12.40
C VAL A 49 4.43 -11.85 -11.55
N LEU A 50 3.33 -12.21 -12.19
CA LEU A 50 2.04 -12.33 -11.49
C LEU A 50 2.05 -13.48 -10.51
N ASP A 51 2.78 -14.56 -10.80
CA ASP A 51 2.93 -15.62 -9.81
C ASP A 51 3.65 -15.10 -8.56
N GLY A 52 4.62 -14.20 -8.75
CA GLY A 52 5.27 -13.57 -7.61
C GLY A 52 4.32 -12.72 -6.80
N VAL A 53 3.39 -12.04 -7.48
CA VAL A 53 2.39 -11.23 -6.78
C VAL A 53 1.43 -12.12 -6.00
N LEU A 54 1.07 -13.28 -6.55
CA LEU A 54 0.28 -14.24 -5.79
C LEU A 54 1.03 -14.69 -4.54
N MET A 55 2.34 -14.85 -4.65
CA MET A 55 3.12 -15.31 -3.51
C MET A 55 3.15 -14.25 -2.41
N GLU A 56 3.27 -12.97 -2.78
CA GLU A 56 3.26 -11.90 -1.81
C GLU A 56 1.91 -11.77 -1.13
N LEU A 57 0.82 -11.90 -1.89
CA LEU A 57 -0.51 -11.84 -1.31
C LEU A 57 -0.71 -12.96 -0.31
N GLN A 58 -0.22 -14.15 -0.64
CA GLN A 58 -0.23 -15.26 0.30
C GLN A 58 0.54 -14.92 1.56
N ASP A 59 1.71 -14.30 1.40
CA ASP A 59 2.60 -13.99 2.52
C ASP A 59 2.11 -12.80 3.37
N CYS A 60 1.02 -12.14 2.97
CA CYS A 60 0.36 -11.14 3.80
C CYS A 60 -0.62 -11.75 4.80
N ALA A 61 -0.93 -13.03 4.65
CA ALA A 61 -1.82 -13.74 5.57
C ALA A 61 -3.11 -12.96 5.82
N LEU A 62 -3.82 -12.68 4.74
CA LEU A 62 -5.06 -11.89 4.80
C LEU A 62 -6.25 -12.83 4.93
N PRO A 63 -7.02 -12.75 6.01
CA PRO A 63 -8.12 -13.71 6.19
C PRO A 63 -9.24 -13.56 5.18
N LEU A 64 -9.48 -12.34 4.65
CA LEU A 64 -10.61 -12.13 3.74
C LEU A 64 -10.33 -12.59 2.31
N LEU A 65 -9.08 -12.91 1.99
CA LEU A 65 -8.72 -13.26 0.61
C LEU A 65 -8.97 -14.76 0.44
N LYS A 66 -10.15 -15.10 -0.07
CA LYS A 66 -10.54 -16.50 -0.13
C LYS A 66 -9.81 -17.23 -1.25
N ASP A 67 -9.43 -16.53 -2.32
CA ASP A 67 -8.68 -17.12 -3.42
C ASP A 67 -8.16 -16.00 -4.31
N VAL A 68 -7.06 -16.29 -5.00
CA VAL A 68 -6.44 -15.37 -5.95
C VAL A 68 -6.10 -16.14 -7.20
N ILE A 69 -6.65 -15.71 -8.34
CA ILE A 69 -6.47 -16.39 -9.62
C ILE A 69 -5.70 -15.48 -10.57
N ALA A 70 -4.64 -16.01 -11.18
CA ALA A 70 -3.85 -15.27 -12.16
C ALA A 70 -4.10 -15.86 -13.55
N THR A 71 -4.35 -15.00 -14.53
CA THR A 71 -4.72 -15.49 -15.85
C THR A 71 -4.30 -14.48 -16.92
N ASP A 72 -4.21 -14.97 -18.16
CA ASP A 72 -4.04 -14.11 -19.31
C ASP A 72 -5.16 -14.28 -20.32
N LYS A 73 -6.26 -14.93 -19.93
CA LYS A 73 -7.40 -15.23 -20.80
C LYS A 73 -8.64 -14.51 -20.27
N GLU A 74 -9.33 -13.82 -21.17
CA GLU A 74 -10.52 -13.05 -20.78
C GLU A 74 -11.65 -13.93 -20.26
N ASP A 75 -11.80 -15.15 -20.79
CA ASP A 75 -12.89 -16.01 -20.33
C ASP A 75 -12.74 -16.35 -18.85
N VAL A 76 -11.52 -16.69 -18.43
CA VAL A 76 -11.24 -16.86 -17.01
C VAL A 76 -11.40 -15.53 -16.27
N ALA A 77 -10.80 -14.46 -16.80
CA ALA A 77 -10.70 -13.22 -16.06
C ALA A 77 -12.06 -12.61 -15.77
N PHE A 78 -13.00 -12.70 -16.73
CA PHE A 78 -14.27 -11.96 -16.63
C PHE A 78 -15.42 -12.83 -16.15
N LYS A 79 -15.17 -14.09 -15.80
CA LYS A 79 -16.25 -15.01 -15.42
C LYS A 79 -16.88 -14.58 -14.12
N ASP A 80 -18.20 -14.34 -14.14
CA ASP A 80 -19.00 -14.15 -12.93
C ASP A 80 -18.55 -12.96 -12.09
N LEU A 81 -17.99 -11.92 -12.70
CA LEU A 81 -17.49 -10.77 -11.95
C LEU A 81 -18.59 -9.98 -11.27
N ASP A 82 -18.32 -9.55 -10.03
CA ASP A 82 -19.05 -8.52 -9.33
C ASP A 82 -18.42 -7.14 -9.51
N VAL A 83 -17.11 -7.06 -9.66
CA VAL A 83 -16.42 -5.79 -9.87
C VAL A 83 -15.31 -6.04 -10.91
N ALA A 84 -15.07 -5.05 -11.76
CA ALA A 84 -13.98 -5.10 -12.73
C ALA A 84 -13.23 -3.79 -12.69
N ILE A 85 -11.98 -3.81 -12.23
CA ILE A 85 -11.14 -2.62 -12.20
C ILE A 85 -10.19 -2.70 -13.40
N LEU A 86 -10.40 -1.85 -14.39
CA LEU A 86 -9.75 -2.00 -15.68
C LEU A 86 -8.55 -1.07 -15.70
N VAL A 87 -7.42 -1.57 -15.20
CA VAL A 87 -6.21 -0.77 -15.10
C VAL A 87 -5.32 -0.95 -16.32
N GLY A 88 -5.22 -2.16 -16.86
CA GLY A 88 -4.39 -2.41 -18.04
C GLY A 88 -4.78 -1.60 -19.27
N SER A 89 -3.79 -0.99 -19.91
CA SER A 89 -3.98 -0.25 -21.15
C SER A 89 -2.64 -0.13 -21.84
N MET A 90 -2.65 0.33 -23.07
CA MET A 90 -1.39 0.53 -23.78
C MET A 90 -0.83 1.93 -23.48
N PRO A 91 0.44 2.06 -23.10
CA PRO A 91 0.97 3.37 -22.72
C PRO A 91 1.32 4.23 -23.93
N ARG A 92 1.37 5.54 -23.69
CA ARG A 92 1.83 6.47 -24.71
C ARG A 92 3.36 6.48 -24.72
N ARG A 93 3.96 5.90 -25.75
CA ARG A 93 5.40 5.87 -25.87
C ARG A 93 5.90 7.11 -26.63
N GLU A 94 7.21 7.35 -26.55
CA GLU A 94 7.82 8.36 -27.40
C GLU A 94 7.53 8.05 -28.86
N GLY A 95 7.20 9.08 -29.62
CA GLY A 95 6.94 8.95 -31.03
C GLY A 95 5.46 8.82 -31.37
N MET A 96 4.64 8.32 -30.46
CA MET A 96 3.23 8.22 -30.79
C MET A 96 2.48 9.46 -30.33
N GLU A 97 1.55 9.90 -31.16
CA GLU A 97 0.73 11.05 -30.81
C GLU A 97 -0.57 10.60 -30.14
N ARG A 98 -1.31 11.57 -29.64
CA ARG A 98 -2.53 11.29 -28.90
C ARG A 98 -3.47 10.38 -29.69
N LYS A 99 -3.56 10.59 -31.00
CA LYS A 99 -4.40 9.74 -31.84
C LYS A 99 -3.94 8.29 -31.80
N ASP A 100 -2.62 8.06 -31.75
CA ASP A 100 -2.13 6.69 -31.75
C ASP A 100 -2.42 6.00 -30.43
N LEU A 101 -2.30 6.74 -29.32
CA LEU A 101 -2.64 6.19 -28.03
C LEU A 101 -4.11 5.75 -27.99
N LEU A 102 -4.99 6.56 -28.59
CA LEU A 102 -6.41 6.22 -28.69
C LEU A 102 -6.61 4.97 -29.55
N LYS A 103 -5.98 4.95 -30.73
CA LYS A 103 -6.13 3.80 -31.63
C LYS A 103 -5.62 2.52 -30.98
N ALA A 104 -4.49 2.58 -30.29
CA ALA A 104 -3.94 1.38 -29.67
C ALA A 104 -4.95 0.74 -28.69
N ASN A 105 -5.67 1.57 -27.94
CA ASN A 105 -6.42 1.08 -26.79
C ASN A 105 -7.87 0.74 -27.09
N VAL A 106 -8.45 1.35 -28.14
CA VAL A 106 -9.85 1.08 -28.47
C VAL A 106 -10.07 -0.42 -28.65
N LYS A 107 -9.12 -1.08 -29.32
CA LYS A 107 -9.25 -2.51 -29.54
C LYS A 107 -9.22 -3.28 -28.23
N ILE A 108 -8.34 -2.87 -27.29
CA ILE A 108 -8.28 -3.52 -25.98
C ILE A 108 -9.62 -3.41 -25.28
N PHE A 109 -10.19 -2.20 -25.24
CA PHE A 109 -11.40 -2.03 -24.42
C PHE A 109 -12.66 -2.50 -25.13
N LYS A 110 -12.67 -2.54 -26.46
CA LYS A 110 -13.78 -3.20 -27.12
C LYS A 110 -13.79 -4.70 -26.81
N SER A 111 -12.60 -5.30 -26.63
CA SER A 111 -12.53 -6.72 -26.31
C SER A 111 -12.90 -7.00 -24.86
N GLN A 112 -12.47 -6.15 -23.94
CA GLN A 112 -12.85 -6.36 -22.55
C GLN A 112 -14.34 -6.06 -22.33
N GLY A 113 -14.88 -5.10 -23.08
CA GLY A 113 -16.32 -4.88 -23.04
C GLY A 113 -17.11 -6.08 -23.55
N ALA A 114 -16.61 -6.70 -24.63
CA ALA A 114 -17.24 -7.92 -25.13
C ALA A 114 -17.17 -9.05 -24.12
N ALA A 115 -16.03 -9.17 -23.41
CA ALA A 115 -15.88 -10.23 -22.40
C ALA A 115 -16.81 -10.00 -21.23
N LEU A 116 -16.88 -8.75 -20.76
CA LEU A 116 -17.85 -8.40 -19.74
C LEU A 116 -19.24 -8.78 -20.17
N ASP A 117 -19.60 -8.42 -21.41
CA ASP A 117 -20.95 -8.69 -21.91
C ASP A 117 -21.26 -10.17 -21.98
N LYS A 118 -20.26 -11.01 -22.24
CA LYS A 118 -20.48 -12.43 -22.37
C LYS A 118 -20.30 -13.20 -21.07
N TYR A 119 -19.32 -12.84 -20.23
CA TYR A 119 -18.95 -13.68 -19.09
C TYR A 119 -19.35 -13.15 -17.72
N ALA A 120 -19.40 -11.83 -17.52
CA ALA A 120 -19.55 -11.30 -16.17
C ALA A 120 -21.01 -11.34 -15.72
N LYS A 121 -21.22 -11.07 -14.42
CA LYS A 121 -22.58 -10.83 -13.95
C LYS A 121 -23.13 -9.54 -14.57
N LYS A 122 -24.45 -9.51 -14.81
CA LYS A 122 -25.04 -8.29 -15.36
C LYS A 122 -25.02 -7.14 -14.36
N SER A 123 -24.86 -7.43 -13.07
CA SER A 123 -24.73 -6.40 -12.03
C SER A 123 -23.29 -5.94 -11.83
N VAL A 124 -22.36 -6.30 -12.71
CA VAL A 124 -20.96 -5.95 -12.48
C VAL A 124 -20.81 -4.44 -12.48
N LYS A 125 -19.96 -3.93 -11.59
CA LYS A 125 -19.57 -2.53 -11.61
C LYS A 125 -18.19 -2.46 -12.25
N VAL A 126 -18.02 -1.60 -13.25
CA VAL A 126 -16.81 -1.53 -14.05
C VAL A 126 -16.22 -0.16 -13.83
N ILE A 127 -15.02 -0.10 -13.26
CA ILE A 127 -14.29 1.13 -13.04
C ILE A 127 -13.07 1.14 -13.97
N VAL A 128 -12.98 2.16 -14.81
CA VAL A 128 -11.96 2.21 -15.86
C VAL A 128 -10.87 3.20 -15.45
N VAL A 129 -9.63 2.72 -15.41
CA VAL A 129 -8.49 3.48 -14.93
C VAL A 129 -7.51 3.79 -16.08
N GLY A 130 -7.16 2.78 -16.87
CA GLY A 130 -6.14 2.97 -17.90
C GLY A 130 -6.56 4.04 -18.92
N ASN A 131 -5.59 4.87 -19.32
CA ASN A 131 -5.83 6.04 -20.16
C ASN A 131 -5.91 5.68 -21.65
N PRO A 132 -6.66 6.46 -22.46
CA PRO A 132 -7.56 7.56 -22.08
C PRO A 132 -8.84 7.07 -21.40
N ALA A 133 -8.96 7.40 -20.12
CA ALA A 133 -9.93 6.74 -19.24
C ALA A 133 -11.35 6.84 -19.78
N ASN A 134 -11.82 8.08 -20.00
CA ASN A 134 -13.23 8.30 -20.35
C ASN A 134 -13.59 7.59 -21.64
N THR A 135 -12.75 7.74 -22.67
CA THR A 135 -13.02 7.12 -23.97
C THR A 135 -12.87 5.61 -23.91
N ASN A 136 -11.88 5.11 -23.18
CA ASN A 136 -11.78 3.66 -22.96
C ASN A 136 -13.04 3.11 -22.29
N CYS A 137 -13.57 3.83 -21.30
CA CYS A 137 -14.80 3.42 -20.63
C CYS A 137 -15.98 3.40 -21.59
N LEU A 138 -16.17 4.49 -22.35
CA LEU A 138 -17.25 4.56 -23.33
C LEU A 138 -17.17 3.42 -24.34
N THR A 139 -15.97 3.17 -24.85
CA THR A 139 -15.77 2.05 -25.78
C THR A 139 -16.24 0.72 -25.17
N ALA A 140 -15.79 0.42 -23.95
CA ALA A 140 -16.18 -0.83 -23.31
C ALA A 140 -17.69 -0.89 -23.09
N SER A 141 -18.26 0.19 -22.57
CA SER A 141 -19.71 0.25 -22.36
C SER A 141 -20.49 -0.05 -23.63
N LYS A 142 -20.07 0.54 -24.76
CA LYS A 142 -20.81 0.34 -26.01
C LYS A 142 -20.68 -1.10 -26.49
N SER A 143 -19.60 -1.78 -26.13
CA SER A 143 -19.40 -3.19 -26.47
C SER A 143 -19.97 -4.13 -25.43
N ALA A 144 -20.64 -3.62 -24.41
CA ALA A 144 -21.31 -4.45 -23.41
C ALA A 144 -22.77 -4.06 -23.31
N PRO A 145 -23.55 -4.25 -24.38
CA PRO A 145 -24.90 -3.68 -24.40
C PRO A 145 -25.84 -4.31 -23.38
N SER A 146 -25.50 -5.49 -22.83
CA SER A 146 -26.31 -6.15 -21.81
C SER A 146 -26.01 -5.66 -20.39
N ILE A 147 -25.00 -4.84 -20.18
CA ILE A 147 -24.66 -4.33 -18.86
C ILE A 147 -25.16 -2.89 -18.75
N PRO A 148 -25.91 -2.53 -17.71
CA PRO A 148 -26.47 -1.17 -17.65
C PRO A 148 -25.39 -0.10 -17.70
N LYS A 149 -25.65 0.92 -18.52
CA LYS A 149 -24.65 1.96 -18.75
C LYS A 149 -24.23 2.65 -17.46
N GLU A 150 -25.10 2.67 -16.44
CA GLU A 150 -24.82 3.30 -15.16
C GLU A 150 -23.78 2.54 -14.35
N ASN A 151 -23.55 1.28 -14.71
CA ASN A 151 -22.56 0.45 -14.03
C ASN A 151 -21.13 0.74 -14.47
N PHE A 152 -20.94 1.59 -15.47
CA PHE A 152 -19.61 1.97 -15.96
C PHE A 152 -19.23 3.33 -15.41
N SER A 153 -18.04 3.41 -14.81
CA SER A 153 -17.50 4.67 -14.34
C SER A 153 -16.03 4.74 -14.71
N CYS A 154 -15.48 5.96 -14.75
CA CYS A 154 -14.05 6.09 -14.96
C CYS A 154 -13.46 7.04 -13.92
N LEU A 155 -12.17 6.84 -13.70
CA LEU A 155 -11.47 7.39 -12.54
C LEU A 155 -11.07 8.84 -12.81
N THR A 156 -11.74 9.76 -12.13
CA THR A 156 -11.25 11.12 -11.98
C THR A 156 -10.94 11.43 -10.52
N ARG A 157 -11.03 10.42 -9.66
CA ARG A 157 -10.83 10.63 -8.23
C ARG A 157 -9.39 11.02 -7.92
N LEU A 158 -8.43 10.59 -8.74
CA LEU A 158 -7.04 11.02 -8.50
C LEU A 158 -6.88 12.51 -8.71
N ASP A 159 -7.48 13.05 -9.79
CA ASP A 159 -7.48 14.49 -10.00
C ASP A 159 -8.26 15.20 -8.90
N HIS A 160 -9.38 14.60 -8.48
CA HIS A 160 -10.17 15.12 -7.37
C HIS A 160 -9.34 15.22 -6.09
N ASN A 161 -8.69 14.12 -5.70
CA ASN A 161 -7.84 14.14 -4.51
C ASN A 161 -6.70 15.15 -4.62
N ARG A 162 -6.12 15.29 -5.81
CA ARG A 162 -5.09 16.29 -6.02
C ARG A 162 -5.63 17.70 -5.82
N ALA A 163 -6.84 17.96 -6.31
CA ALA A 163 -7.42 19.28 -6.14
C ALA A 163 -7.64 19.59 -4.66
N LYS A 164 -8.17 18.61 -3.91
CA LYS A 164 -8.36 18.75 -2.47
C LYS A 164 -7.07 19.12 -1.78
N ALA A 165 -6.00 18.39 -2.09
CA ALA A 165 -4.71 18.60 -1.43
C ALA A 165 -4.17 20.00 -1.70
N GLN A 166 -4.33 20.50 -2.93
CA GLN A 166 -3.84 21.85 -3.23
C GLN A 166 -4.60 22.88 -2.41
N ILE A 167 -5.90 22.71 -2.28
CA ILE A 167 -6.68 23.64 -1.44
C ILE A 167 -6.25 23.52 0.01
N ALA A 168 -6.14 22.29 0.51
CA ALA A 168 -5.75 22.10 1.91
C ALA A 168 -4.37 22.69 2.17
N LEU A 169 -3.46 22.59 1.20
CA LEU A 169 -2.11 23.09 1.40
C LEU A 169 -2.09 24.61 1.36
N LYS A 170 -2.88 25.23 0.48
CA LYS A 170 -2.89 26.69 0.40
C LYS A 170 -3.45 27.30 1.67
N LEU A 171 -4.57 26.76 2.15
CA LEU A 171 -5.28 27.31 3.30
C LEU A 171 -4.72 26.81 4.64
N GLY A 172 -3.95 25.74 4.64
CA GLY A 172 -3.31 25.29 5.86
C GLY A 172 -4.15 24.38 6.75
N VAL A 173 -4.97 23.51 6.16
CA VAL A 173 -5.83 22.61 6.91
C VAL A 173 -5.55 21.19 6.49
N THR A 174 -6.19 20.24 7.16
CA THR A 174 -6.07 18.85 6.76
C THR A 174 -7.03 18.55 5.62
N ALA A 175 -6.80 17.39 4.97
CA ALA A 175 -7.61 17.03 3.81
C ALA A 175 -9.09 16.91 4.17
N ASN A 176 -9.39 16.39 5.36
CA ASN A 176 -10.78 16.21 5.74
C ASN A 176 -11.49 17.54 6.02
N ASP A 177 -10.76 18.65 6.08
CA ASP A 177 -11.37 19.96 6.29
C ASP A 177 -11.86 20.59 4.99
N VAL A 178 -11.60 19.96 3.84
CA VAL A 178 -12.06 20.43 2.54
C VAL A 178 -13.05 19.41 1.97
N LYS A 179 -14.09 19.89 1.28
CA LYS A 179 -15.05 18.98 0.65
C LYS A 179 -15.70 19.63 -0.55
N ASN A 180 -16.29 18.78 -1.40
CA ASN A 180 -17.14 19.17 -2.54
C ASN A 180 -16.39 19.99 -3.59
N VAL A 181 -15.11 19.70 -3.78
CA VAL A 181 -14.48 20.04 -5.06
C VAL A 181 -15.09 19.15 -6.13
N ILE A 182 -15.00 19.61 -7.38
CA ILE A 182 -15.56 18.89 -8.54
C ILE A 182 -14.49 18.81 -9.62
N ILE A 183 -14.32 17.62 -10.20
CA ILE A 183 -13.60 17.48 -11.47
C ILE A 183 -14.67 17.28 -12.55
N TRP A 184 -14.87 18.28 -13.40
CA TRP A 184 -15.79 18.15 -14.54
C TRP A 184 -15.03 17.62 -15.77
N GLY A 185 -15.60 16.63 -16.45
CA GLY A 185 -15.25 16.37 -17.84
C GLY A 185 -14.23 15.25 -18.02
N ASN A 186 -13.17 15.54 -18.76
CA ASN A 186 -12.22 14.53 -19.22
C ASN A 186 -11.09 14.34 -18.21
N HIS A 187 -10.68 13.09 -18.01
CA HIS A 187 -9.43 12.79 -17.28
C HIS A 187 -8.28 13.06 -18.24
N SER A 188 -7.91 14.34 -18.35
CA SER A 188 -6.97 14.81 -19.36
C SER A 188 -6.62 16.26 -19.04
N SER A 189 -5.87 16.87 -19.98
CA SER A 189 -5.44 18.26 -19.85
C SER A 189 -6.61 19.22 -19.70
N THR A 190 -7.78 18.90 -20.25
CA THR A 190 -8.91 19.82 -20.23
C THR A 190 -9.84 19.60 -19.04
N GLN A 191 -9.47 18.74 -18.10
CA GLN A 191 -10.27 18.58 -16.89
C GLN A 191 -10.47 19.94 -16.24
N TYR A 192 -11.63 20.15 -15.62
CA TYR A 192 -11.88 21.41 -14.94
C TYR A 192 -12.05 21.11 -13.47
N PRO A 193 -11.03 21.41 -12.64
CA PRO A 193 -11.18 21.36 -11.18
C PRO A 193 -11.91 22.60 -10.72
N ASP A 194 -13.15 22.41 -10.30
CA ASP A 194 -14.06 23.49 -9.95
C ASP A 194 -14.18 23.55 -8.42
N VAL A 195 -14.01 24.75 -7.85
CA VAL A 195 -14.18 24.93 -6.42
C VAL A 195 -15.29 25.92 -6.08
N ASN A 196 -16.13 26.28 -7.06
CA ASN A 196 -17.23 27.19 -6.80
C ASN A 196 -18.26 26.62 -5.83
N HIS A 197 -18.29 25.30 -5.63
CA HIS A 197 -19.23 24.69 -4.71
C HIS A 197 -18.52 23.99 -3.56
N ALA A 198 -17.22 24.26 -3.39
CA ALA A 198 -16.41 23.58 -2.39
C ALA A 198 -16.48 24.32 -1.07
N LYS A 199 -16.25 23.59 0.02
CA LYS A 199 -16.29 24.15 1.36
C LYS A 199 -15.03 23.76 2.13
N VAL A 200 -14.63 24.62 3.06
CA VAL A 200 -13.52 24.33 3.96
C VAL A 200 -13.85 24.86 5.36
N LYS A 201 -13.54 24.07 6.37
CA LYS A 201 -13.72 24.51 7.75
C LYS A 201 -12.46 25.27 8.19
N LEU A 202 -12.64 26.51 8.67
CA LEU A 202 -11.51 27.41 8.89
C LEU A 202 -11.33 27.80 10.34
N GLN A 203 -12.31 28.44 10.98
CA GLN A 203 -12.22 28.68 12.42
C GLN A 203 -13.42 28.04 13.09
N GLY A 204 -13.57 26.73 12.91
CA GLY A 204 -14.78 26.05 13.29
C GLY A 204 -15.96 26.30 12.39
N LYS A 205 -15.88 27.27 11.48
CA LYS A 205 -16.96 27.61 10.57
C LYS A 205 -16.65 27.10 9.17
N GLU A 206 -17.67 26.54 8.51
CA GLU A 206 -17.54 26.18 7.11
C GLU A 206 -17.74 27.42 6.25
N VAL A 207 -16.85 27.61 5.28
CA VAL A 207 -16.92 28.72 4.34
C VAL A 207 -16.64 28.17 2.95
N GLY A 208 -17.14 28.87 1.93
CA GLY A 208 -16.75 28.54 0.57
C GLY A 208 -15.27 28.75 0.34
N VAL A 209 -14.70 27.94 -0.56
CA VAL A 209 -13.27 28.04 -0.83
C VAL A 209 -12.93 29.37 -1.50
N TYR A 210 -13.80 29.87 -2.38
CA TYR A 210 -13.55 31.17 -2.99
C TYR A 210 -13.46 32.25 -1.91
N GLU A 211 -14.46 32.29 -1.02
CA GLU A 211 -14.45 33.28 0.06
C GLU A 211 -13.25 33.11 0.98
N ALA A 212 -12.87 31.85 1.24
CA ALA A 212 -11.79 31.60 2.20
C ALA A 212 -10.45 32.11 1.68
N LEU A 213 -10.21 32.00 0.37
CA LEU A 213 -8.91 32.30 -0.20
C LEU A 213 -8.68 33.77 -0.52
N LYS A 214 -9.73 34.50 -0.91
CA LYS A 214 -9.61 35.89 -1.35
C LYS A 214 -8.54 36.02 -2.43
N ASP A 215 -8.60 35.14 -3.43
CA ASP A 215 -7.64 35.13 -4.52
C ASP A 215 -8.22 34.38 -5.71
N ASP A 216 -9.14 35.02 -6.42
CA ASP A 216 -9.85 34.34 -7.50
C ASP A 216 -8.91 33.97 -8.64
N SER A 217 -7.96 34.85 -8.96
CA SER A 217 -7.09 34.59 -10.10
C SER A 217 -6.25 33.33 -9.88
N TRP A 218 -5.74 33.11 -8.65
CA TRP A 218 -5.07 31.86 -8.35
C TRP A 218 -5.98 30.66 -8.59
N LEU A 219 -7.22 30.72 -8.07
CA LEU A 219 -8.13 29.59 -8.19
C LEU A 219 -8.52 29.32 -9.64
N LYS A 220 -8.48 30.33 -10.49
CA LYS A 220 -8.91 30.21 -11.88
C LYS A 220 -7.74 30.07 -12.84
N GLY A 221 -6.51 30.19 -12.34
CA GLY A 221 -5.34 30.05 -13.19
C GLY A 221 -4.38 29.01 -12.68
N GLU A 222 -3.52 29.42 -11.75
CA GLU A 222 -2.42 28.57 -11.32
C GLU A 222 -2.94 27.29 -10.68
N PHE A 223 -4.06 27.38 -9.95
CA PHE A 223 -4.64 26.19 -9.31
C PHE A 223 -5.03 25.15 -10.34
N VAL A 224 -5.79 25.57 -11.35
CA VAL A 224 -6.18 24.68 -12.46
C VAL A 224 -4.94 24.08 -13.10
N THR A 225 -3.98 24.93 -13.46
CA THR A 225 -2.77 24.45 -14.11
C THR A 225 -2.02 23.43 -13.26
N THR A 226 -1.98 23.63 -11.94
CA THR A 226 -1.23 22.71 -11.12
C THR A 226 -1.86 21.32 -11.10
N VAL A 227 -3.20 21.27 -10.98
CA VAL A 227 -3.89 19.99 -10.96
C VAL A 227 -3.78 19.28 -12.30
N GLN A 228 -3.85 20.04 -13.40
CA GLN A 228 -3.76 19.42 -14.71
C GLN A 228 -2.38 18.84 -14.95
N GLN A 229 -1.32 19.51 -14.50
CA GLN A 229 0.03 19.05 -14.78
C GLN A 229 0.63 18.23 -13.65
N ARG A 230 -0.17 17.89 -12.62
CA ARG A 230 0.41 17.18 -11.48
C ARG A 230 1.03 15.86 -11.90
N GLY A 231 0.33 15.09 -12.72
CA GLY A 231 0.83 13.78 -13.11
C GLY A 231 2.20 13.85 -13.78
N ALA A 232 2.39 14.84 -14.66
CA ALA A 232 3.68 14.99 -15.30
C ALA A 232 4.74 15.43 -14.29
N ALA A 233 4.36 16.20 -13.27
CA ALA A 233 5.33 16.63 -12.27
C ALA A 233 5.82 15.44 -11.44
N VAL A 234 4.91 14.52 -11.08
CA VAL A 234 5.34 13.33 -10.36
C VAL A 234 6.25 12.47 -11.22
N ILE A 235 5.89 12.30 -12.49
CA ILE A 235 6.73 11.53 -13.42
C ILE A 235 8.12 12.14 -13.50
N LYS A 236 8.21 13.46 -13.45
CA LYS A 236 9.51 14.10 -13.55
C LYS A 236 10.35 13.91 -12.29
N ALA A 237 9.72 13.80 -11.12
CA ALA A 237 10.48 13.63 -9.90
C ALA A 237 10.94 12.18 -9.72
N ARG A 238 10.03 11.22 -9.72
CA ARG A 238 10.44 9.85 -9.42
C ARG A 238 10.67 9.00 -10.67
N LYS A 239 10.63 9.61 -11.86
CA LYS A 239 10.93 8.93 -13.12
C LYS A 239 9.97 7.79 -13.40
N LEU A 240 8.86 7.73 -12.67
CA LEU A 240 7.83 6.73 -12.85
C LEU A 240 6.49 7.44 -12.70
N SER A 241 5.43 6.84 -13.24
CA SER A 241 4.13 7.44 -13.05
C SER A 241 3.59 7.12 -11.66
N SER A 242 2.59 7.90 -11.23
CA SER A 242 1.97 7.73 -9.93
C SER A 242 1.40 6.32 -9.79
N ALA A 243 1.68 5.69 -8.65
CA ALA A 243 1.07 4.39 -8.40
C ALA A 243 0.40 4.34 -7.02
N MET A 244 1.12 4.76 -5.99
CA MET A 244 0.53 4.83 -4.65
C MET A 244 -0.72 5.69 -4.66
N SER A 245 -0.66 6.89 -5.23
CA SER A 245 -1.79 7.83 -5.14
C SER A 245 -2.91 7.44 -6.09
N ALA A 246 -2.57 6.86 -7.24
CA ALA A 246 -3.59 6.36 -8.14
C ALA A 246 -4.34 5.18 -7.52
N ALA A 247 -3.62 4.27 -6.86
CA ALA A 247 -4.27 3.15 -6.18
C ALA A 247 -5.13 3.65 -5.02
N LYS A 248 -4.67 4.66 -4.29
CA LYS A 248 -5.50 5.20 -3.22
C LYS A 248 -6.78 5.81 -3.77
N ALA A 249 -6.69 6.49 -4.92
CA ALA A 249 -7.85 7.08 -5.57
C ALA A 249 -8.83 6.01 -6.08
N ILE A 250 -8.30 4.89 -6.59
CA ILE A 250 -9.19 3.79 -6.96
C ILE A 250 -9.93 3.27 -5.72
N CYS A 251 -9.22 3.17 -4.60
CA CYS A 251 -9.84 2.69 -3.37
C CYS A 251 -10.98 3.60 -2.94
N ASP A 252 -10.73 4.91 -2.89
CA ASP A 252 -11.78 5.88 -2.59
C ASP A 252 -12.97 5.72 -3.54
N HIS A 253 -12.71 5.69 -4.85
CA HIS A 253 -13.75 5.61 -5.87
C HIS A 253 -14.62 4.37 -5.68
N VAL A 254 -13.99 3.21 -5.52
CA VAL A 254 -14.74 1.96 -5.40
C VAL A 254 -15.46 1.89 -4.05
N ARG A 255 -14.79 2.33 -2.99
CA ARG A 255 -15.39 2.34 -1.66
C ARG A 255 -16.63 3.22 -1.61
N ASP A 256 -16.57 4.40 -2.22
CA ASP A 256 -17.76 5.25 -2.26
C ASP A 256 -18.89 4.62 -3.07
N ILE A 257 -18.58 3.87 -4.12
CA ILE A 257 -19.64 3.08 -4.76
C ILE A 257 -20.18 2.03 -3.78
N TRP A 258 -19.28 1.29 -3.12
CA TRP A 258 -19.71 0.13 -2.35
C TRP A 258 -20.49 0.54 -1.10
N PHE A 259 -20.10 1.64 -0.47
CA PHE A 259 -20.70 2.06 0.78
C PHE A 259 -21.52 3.33 0.67
N GLY A 260 -21.22 4.19 -0.28
CA GLY A 260 -21.96 5.42 -0.43
C GLY A 260 -21.12 6.63 -0.12
N THR A 261 -21.55 7.77 -0.63
CA THR A 261 -20.82 9.00 -0.35
C THR A 261 -21.11 9.49 1.06
N PRO A 262 -20.13 10.09 1.74
CA PRO A 262 -20.36 10.56 3.12
C PRO A 262 -21.43 11.64 3.17
N GLU A 263 -22.09 11.72 4.33
CA GLU A 263 -23.15 12.69 4.57
C GLU A 263 -22.66 14.10 4.27
N GLY A 264 -23.43 14.81 3.42
CA GLY A 264 -23.15 16.19 3.07
C GLY A 264 -22.07 16.38 2.03
N GLU A 265 -21.60 15.30 1.41
CA GLU A 265 -20.54 15.39 0.42
C GLU A 265 -21.01 14.74 -0.86
N PHE A 266 -20.42 15.19 -1.97
CA PHE A 266 -20.50 14.49 -3.22
C PHE A 266 -19.07 14.30 -3.73
N VAL A 267 -18.90 13.44 -4.72
CA VAL A 267 -17.58 13.09 -5.24
C VAL A 267 -17.58 13.13 -6.76
N SER A 268 -16.38 13.11 -7.34
CA SER A 268 -16.18 13.21 -8.78
C SER A 268 -16.04 11.83 -9.40
N MET A 269 -16.79 11.59 -10.47
CA MET A 269 -16.81 10.30 -11.13
C MET A 269 -17.09 10.50 -12.61
N GLY A 270 -16.35 9.83 -13.48
CA GLY A 270 -16.76 9.74 -14.87
C GLY A 270 -17.95 8.79 -15.03
N VAL A 271 -19.09 9.30 -15.52
CA VAL A 271 -20.28 8.49 -15.75
C VAL A 271 -20.94 8.91 -17.07
N ILE A 272 -21.86 8.06 -17.54
CA ILE A 272 -22.61 8.36 -18.77
C ILE A 272 -23.47 9.61 -18.57
N SER A 273 -23.42 10.52 -19.54
CA SER A 273 -23.94 11.86 -19.36
C SER A 273 -25.43 11.97 -19.65
N ASP A 274 -26.06 10.90 -20.15
CA ASP A 274 -27.45 10.92 -20.55
C ASP A 274 -28.32 11.59 -19.50
N GLY A 275 -29.04 12.63 -19.90
CA GLY A 275 -29.99 13.27 -19.00
C GLY A 275 -29.42 14.29 -18.06
N ASN A 276 -28.14 14.64 -18.19
CA ASN A 276 -27.59 15.64 -17.29
C ASN A 276 -28.27 17.00 -17.53
N SER A 277 -28.27 17.83 -16.49
CA SER A 277 -28.88 19.15 -16.56
C SER A 277 -27.84 20.26 -16.60
N TYR A 278 -26.65 20.00 -17.15
CA TYR A 278 -25.57 21.00 -17.11
C TYR A 278 -25.11 21.40 -18.49
N GLY A 279 -25.89 21.09 -19.52
CA GLY A 279 -25.54 21.47 -20.88
C GLY A 279 -24.45 20.63 -21.51
N VAL A 280 -24.19 19.44 -20.98
CA VAL A 280 -23.18 18.54 -21.53
C VAL A 280 -23.87 17.61 -22.52
N PRO A 281 -23.31 17.37 -23.70
CA PRO A 281 -23.91 16.41 -24.62
C PRO A 281 -24.20 15.08 -23.94
N ASP A 282 -25.28 14.44 -24.39
CA ASP A 282 -25.59 13.08 -23.98
C ASP A 282 -24.59 12.09 -24.60
N ASP A 283 -24.58 10.88 -24.06
CA ASP A 283 -23.80 9.75 -24.56
C ASP A 283 -22.31 10.07 -24.58
N LEU A 284 -21.87 10.86 -23.61
CA LEU A 284 -20.45 11.00 -23.30
C LEU A 284 -20.17 10.36 -21.95
N LEU A 285 -18.96 9.84 -21.82
CA LEU A 285 -18.44 9.44 -20.53
C LEU A 285 -17.71 10.65 -19.96
N TYR A 286 -18.30 11.31 -18.96
CA TYR A 286 -17.88 12.65 -18.55
C TYR A 286 -17.95 12.74 -17.03
N SER A 287 -16.97 13.40 -16.40
CA SER A 287 -16.95 13.46 -14.95
C SER A 287 -17.95 14.51 -14.43
N PHE A 288 -18.79 14.09 -13.51
CA PHE A 288 -19.83 14.91 -12.88
C PHE A 288 -19.72 14.78 -11.38
N PRO A 289 -20.27 15.74 -10.63
CA PRO A 289 -20.40 15.54 -9.19
C PRO A 289 -21.58 14.62 -8.93
N VAL A 290 -21.36 13.57 -8.14
CA VAL A 290 -22.41 12.58 -7.87
C VAL A 290 -22.53 12.34 -6.38
N VAL A 291 -23.69 11.83 -5.99
CA VAL A 291 -23.89 11.24 -4.67
C VAL A 291 -24.25 9.78 -4.86
N ILE A 292 -23.85 8.93 -3.90
CA ILE A 292 -24.01 7.50 -4.07
C ILE A 292 -24.66 6.89 -2.84
N LYS A 293 -25.76 6.15 -3.07
CA LYS A 293 -26.44 5.38 -2.05
C LYS A 293 -26.87 4.06 -2.65
N ASN A 294 -26.80 2.99 -1.85
CA ASN A 294 -27.18 1.66 -2.32
C ASN A 294 -26.49 1.32 -3.64
N LYS A 295 -25.23 1.73 -3.78
CA LYS A 295 -24.39 1.40 -4.93
C LYS A 295 -24.93 1.97 -6.24
N THR A 296 -25.72 3.04 -6.17
CA THR A 296 -26.32 3.67 -7.33
C THR A 296 -25.96 5.16 -7.29
N TRP A 297 -25.29 5.64 -8.33
CA TRP A 297 -24.94 7.05 -8.33
C TRP A 297 -26.08 7.90 -8.88
N LYS A 298 -26.04 9.19 -8.58
CA LYS A 298 -27.07 10.16 -8.92
C LYS A 298 -26.38 11.51 -9.13
N PHE A 299 -26.72 12.20 -10.22
CA PHE A 299 -26.16 13.53 -10.47
C PHE A 299 -26.51 14.45 -9.30
N VAL A 300 -25.53 15.25 -8.86
CA VAL A 300 -25.85 16.41 -8.03
C VAL A 300 -26.51 17.47 -8.92
N GLU A 301 -27.77 17.78 -8.63
CA GLU A 301 -28.57 18.69 -9.45
C GLU A 301 -28.57 20.09 -8.87
N GLY A 302 -28.68 21.07 -9.76
CA GLY A 302 -28.97 22.44 -9.35
C GLY A 302 -27.79 23.29 -8.96
N LEU A 303 -26.56 22.86 -9.25
CA LEU A 303 -25.40 23.71 -8.95
C LEU A 303 -25.36 24.89 -9.93
N PRO A 304 -25.19 26.11 -9.44
CA PRO A 304 -25.12 27.26 -10.37
C PRO A 304 -23.80 27.29 -11.15
N ILE A 305 -23.89 27.47 -12.46
CA ILE A 305 -22.73 27.47 -13.34
C ILE A 305 -22.47 28.89 -13.82
N ASN A 306 -21.38 29.49 -13.36
CA ASN A 306 -21.03 30.81 -13.86
C ASN A 306 -20.39 30.69 -15.24
N ASP A 307 -19.99 31.84 -15.80
CA ASP A 307 -19.55 31.86 -17.19
C ASP A 307 -18.14 31.29 -17.35
N PHE A 308 -17.26 31.53 -16.38
CA PHE A 308 -15.95 30.86 -16.40
C PHE A 308 -16.12 29.35 -16.36
N SER A 309 -17.03 28.87 -15.52
CA SER A 309 -17.25 27.43 -15.43
C SER A 309 -17.87 26.89 -16.71
N ARG A 310 -18.85 27.61 -17.28
CA ARG A 310 -19.47 27.19 -18.53
C ARG A 310 -18.42 26.96 -19.61
N GLU A 311 -17.51 27.93 -19.80
CA GLU A 311 -16.49 27.81 -20.83
C GLU A 311 -15.60 26.59 -20.60
N LYS A 312 -15.20 26.34 -19.34
CA LYS A 312 -14.35 25.19 -19.06
C LYS A 312 -15.09 23.87 -19.30
N MET A 313 -16.32 23.74 -18.81
CA MET A 313 -17.05 22.49 -19.01
C MET A 313 -17.33 22.21 -20.49
N ASP A 314 -17.46 23.27 -21.31
CA ASP A 314 -17.71 23.04 -22.73
C ASP A 314 -16.42 22.61 -23.45
N LEU A 315 -15.29 23.24 -23.14
CA LEU A 315 -14.02 22.84 -23.74
C LEU A 315 -13.71 21.37 -23.49
N THR A 316 -13.94 20.90 -22.27
CA THR A 316 -13.65 19.50 -22.04
C THR A 316 -14.67 18.58 -22.73
N ALA A 317 -15.95 19.00 -22.82
CA ALA A 317 -16.94 18.27 -23.61
C ALA A 317 -16.52 18.16 -25.07
N LYS A 318 -16.01 19.25 -25.64
CA LYS A 318 -15.53 19.22 -27.02
C LYS A 318 -14.42 18.20 -27.22
N GLU A 319 -13.42 18.18 -26.32
CA GLU A 319 -12.33 17.23 -26.46
C GLU A 319 -12.85 15.80 -26.41
N LEU A 320 -13.81 15.53 -25.52
CA LEU A 320 -14.37 14.18 -25.40
C LEU A 320 -15.16 13.80 -26.64
N THR A 321 -15.96 14.74 -27.17
CA THR A 321 -16.65 14.47 -28.42
C THR A 321 -15.67 14.14 -29.52
N GLU A 322 -14.55 14.87 -29.60
CA GLU A 322 -13.55 14.60 -30.64
C GLU A 322 -12.84 13.26 -30.41
N GLU A 323 -12.59 12.87 -29.16
CA GLU A 323 -12.01 11.55 -28.93
C GLU A 323 -12.98 10.45 -29.34
N LYS A 324 -14.27 10.63 -29.02
CA LYS A 324 -15.27 9.65 -29.40
C LYS A 324 -15.31 9.46 -30.91
N GLU A 325 -15.26 10.56 -31.67
CA GLU A 325 -15.31 10.41 -33.14
C GLU A 325 -14.08 9.70 -33.67
N SER A 326 -12.91 9.90 -33.05
CA SER A 326 -11.71 9.16 -33.42
C SER A 326 -11.87 7.65 -33.22
N ALA A 327 -12.61 7.26 -32.17
CA ALA A 327 -12.87 5.85 -31.88
C ALA A 327 -14.06 5.29 -32.67
N MET B 1 -7.94 14.90 18.88
CA MET B 1 -6.91 13.99 18.39
C MET B 1 -5.71 14.03 19.32
N SER B 2 -5.01 12.91 19.48
CA SER B 2 -3.71 12.93 20.13
C SER B 2 -2.79 13.95 19.46
N GLU B 3 -1.75 14.37 20.18
CA GLU B 3 -0.69 15.15 19.56
C GLU B 3 0.00 14.31 18.49
N PRO B 4 0.54 14.94 17.44
CA PRO B 4 1.26 14.19 16.40
C PRO B 4 2.44 13.43 16.98
N ILE B 5 2.65 12.22 16.47
CA ILE B 5 3.89 11.53 16.75
C ILE B 5 4.78 11.66 15.52
N ARG B 6 6.09 11.74 15.76
CA ARG B 6 7.07 11.81 14.69
C ARG B 6 7.57 10.41 14.39
N VAL B 7 7.41 9.97 13.14
CA VAL B 7 7.81 8.63 12.70
C VAL B 7 8.79 8.78 11.54
N LEU B 8 9.98 8.20 11.70
CA LEU B 8 10.98 8.19 10.64
C LEU B 8 10.89 6.89 9.85
N VAL B 9 10.98 7.00 8.52
CA VAL B 9 11.27 5.85 7.67
C VAL B 9 12.55 6.18 6.89
N THR B 10 13.59 5.36 7.05
CA THR B 10 14.80 5.50 6.23
C THR B 10 14.69 4.62 4.98
N GLY B 11 15.65 4.76 4.08
CA GLY B 11 15.50 4.17 2.77
C GLY B 11 14.22 4.59 2.10
N ALA B 12 13.77 5.81 2.35
CA ALA B 12 12.40 6.20 2.06
C ALA B 12 12.11 6.31 0.57
N ALA B 13 13.14 6.34 -0.27
CA ALA B 13 12.89 6.37 -1.69
C ALA B 13 12.91 4.97 -2.32
N GLY B 14 13.06 3.91 -1.52
CA GLY B 14 13.10 2.55 -2.05
C GLY B 14 11.72 1.85 -2.10
N GLN B 15 11.75 0.59 -2.55
CA GLN B 15 10.54 -0.16 -2.87
C GLN B 15 9.72 -0.49 -1.63
N ILE B 16 10.36 -1.01 -0.58
CA ILE B 16 9.63 -1.36 0.64
C ILE B 16 8.88 -0.15 1.17
N ALA B 17 9.58 0.99 1.29
CA ALA B 17 8.95 2.20 1.82
C ALA B 17 7.79 2.64 0.95
N TYR B 18 7.96 2.57 -0.37
CA TYR B 18 6.87 2.95 -1.28
C TYR B 18 5.60 2.17 -0.96
N SER B 19 5.73 0.93 -0.51
CA SER B 19 4.57 0.13 -0.13
C SER B 19 4.11 0.37 1.30
N LEU B 20 4.89 1.09 2.10
CA LEU B 20 4.66 1.25 3.54
C LEU B 20 4.03 2.59 3.91
N LEU B 21 4.43 3.69 3.28
CA LEU B 21 4.05 5.02 3.77
C LEU B 21 2.54 5.22 3.83
N TYR B 22 1.79 4.67 2.86
CA TYR B 22 0.34 4.85 2.87
C TYR B 22 -0.28 4.29 4.14
N SER B 23 0.12 3.07 4.53
CA SER B 23 -0.44 2.44 5.73
C SER B 23 -0.15 3.25 6.98
N ILE B 24 1.02 3.89 7.05
CA ILE B 24 1.32 4.78 8.18
C ILE B 24 0.48 6.04 8.10
N GLY B 25 0.33 6.59 6.89
CA GLY B 25 -0.39 7.83 6.71
C GLY B 25 -1.89 7.72 6.89
N ASN B 26 -2.47 6.55 6.58
CA ASN B 26 -3.93 6.42 6.59
C ASN B 26 -4.47 6.00 7.95
N GLY B 27 -3.60 5.76 8.94
CA GLY B 27 -4.00 5.48 10.30
C GLY B 27 -4.01 4.01 10.68
N SER B 28 -3.59 3.11 9.81
CA SER B 28 -3.83 1.70 10.11
C SER B 28 -2.71 1.09 10.93
N VAL B 29 -1.64 1.82 11.21
CA VAL B 29 -0.56 1.34 12.04
C VAL B 29 -0.68 1.88 13.46
N PHE B 30 -0.83 3.20 13.61
CA PHE B 30 -0.79 3.84 14.91
C PHE B 30 -2.16 4.25 15.43
N GLY B 31 -3.21 4.03 14.67
CA GLY B 31 -4.57 4.26 15.12
C GLY B 31 -5.24 5.39 14.36
N LYS B 32 -6.56 5.30 14.22
CA LYS B 32 -7.33 6.26 13.43
C LYS B 32 -7.47 7.62 14.10
N ASP B 33 -7.02 7.76 15.36
CA ASP B 33 -7.09 9.02 16.09
C ASP B 33 -5.70 9.58 16.36
N GLN B 34 -4.67 9.07 15.67
CA GLN B 34 -3.29 9.45 15.92
C GLN B 34 -2.67 10.18 14.74
N PRO B 35 -2.62 11.52 14.75
CA PRO B 35 -1.92 12.22 13.67
C PRO B 35 -0.44 11.89 13.65
N ILE B 36 0.13 11.96 12.44
CA ILE B 36 1.47 11.50 12.13
C ILE B 36 2.25 12.65 11.50
N ILE B 37 3.46 12.90 11.99
CA ILE B 37 4.42 13.69 11.24
C ILE B 37 5.44 12.72 10.67
N LEU B 38 5.43 12.55 9.35
CA LEU B 38 6.20 11.50 8.69
C LEU B 38 7.54 12.08 8.24
N VAL B 39 8.64 11.54 8.76
CA VAL B 39 9.98 11.98 8.40
C VAL B 39 10.59 10.93 7.49
N LEU B 40 11.09 11.36 6.32
CA LEU B 40 11.60 10.46 5.30
C LEU B 40 13.07 10.76 5.05
N LEU B 41 13.92 9.75 5.23
CA LEU B 41 15.36 9.91 5.04
C LEU B 41 15.84 9.00 3.93
N ASP B 42 16.68 9.53 3.05
CA ASP B 42 17.40 8.69 2.11
C ASP B 42 18.69 9.42 1.73
N ILE B 43 19.51 8.75 0.92
CA ILE B 43 20.78 9.35 0.53
C ILE B 43 20.54 10.49 -0.44
N THR B 44 21.47 11.44 -0.46
CA THR B 44 21.30 12.62 -1.31
C THR B 44 20.94 12.30 -2.76
N PRO B 45 21.52 11.29 -3.42
CA PRO B 45 21.12 11.02 -4.82
C PRO B 45 19.65 10.69 -4.96
N MET B 46 19.02 10.14 -3.93
CA MET B 46 17.60 9.81 -3.99
C MET B 46 16.68 10.99 -3.67
N MET B 47 17.22 12.19 -3.43
CA MET B 47 16.34 13.26 -2.99
C MET B 47 15.30 13.62 -4.04
N GLY B 48 15.64 13.46 -5.33
CA GLY B 48 14.69 13.82 -6.38
C GLY B 48 13.52 12.86 -6.46
N VAL B 49 13.78 11.56 -6.35
CA VAL B 49 12.70 10.59 -6.24
C VAL B 49 11.90 10.82 -4.97
N LEU B 50 12.57 11.18 -3.88
CA LEU B 50 11.88 11.34 -2.61
C LEU B 50 10.86 12.48 -2.67
N ASP B 51 11.15 13.52 -3.45
CA ASP B 51 10.19 14.62 -3.57
C ASP B 51 8.96 14.22 -4.37
N GLY B 52 9.11 13.29 -5.33
CA GLY B 52 7.96 12.74 -6.02
C GLY B 52 7.15 11.84 -5.13
N VAL B 53 7.80 11.16 -4.19
CA VAL B 53 7.09 10.38 -3.19
C VAL B 53 6.28 11.31 -2.30
N LEU B 54 6.87 12.44 -1.93
CA LEU B 54 6.16 13.42 -1.10
C LEU B 54 4.94 13.97 -1.84
N MET B 55 5.06 14.19 -3.14
CA MET B 55 3.91 14.68 -3.91
C MET B 55 2.77 13.67 -3.89
N GLU B 56 3.10 12.39 -4.02
CA GLU B 56 2.07 11.35 -4.03
C GLU B 56 1.39 11.25 -2.68
N LEU B 57 2.14 11.46 -1.58
CA LEU B 57 1.55 11.40 -0.24
C LEU B 57 0.56 12.54 -0.04
N GLN B 58 0.92 13.73 -0.50
CA GLN B 58 -0.04 14.83 -0.52
C GLN B 58 -1.27 14.46 -1.34
N ASP B 59 -1.05 13.79 -2.49
CA ASP B 59 -2.16 13.53 -3.39
C ASP B 59 -3.07 12.40 -2.92
N CYS B 60 -2.69 11.67 -1.87
CA CYS B 60 -3.62 10.75 -1.21
C CYS B 60 -4.63 11.47 -0.31
N ALA B 61 -4.41 12.75 -0.01
CA ALA B 61 -5.33 13.56 0.80
C ALA B 61 -5.67 12.87 2.12
N LEU B 62 -4.61 12.64 2.94
CA LEU B 62 -4.71 11.85 4.14
C LEU B 62 -4.93 12.74 5.35
N PRO B 63 -6.06 12.64 6.06
CA PRO B 63 -6.31 13.58 7.17
C PRO B 63 -5.33 13.45 8.33
N LEU B 64 -4.75 12.27 8.55
CA LEU B 64 -3.88 12.06 9.70
C LEU B 64 -2.44 12.45 9.43
N LEU B 65 -2.10 12.76 8.19
CA LEU B 65 -0.72 13.10 7.85
C LEU B 65 -0.55 14.59 8.08
N LYS B 66 -0.19 14.97 9.31
CA LYS B 66 -0.05 16.39 9.62
C LYS B 66 1.03 17.04 8.77
N ASP B 67 2.18 16.37 8.60
CA ASP B 67 3.26 16.91 7.79
C ASP B 67 4.15 15.77 7.31
N VAL B 68 4.89 16.02 6.23
CA VAL B 68 5.84 15.08 5.65
C VAL B 68 7.15 15.82 5.40
N ILE B 69 8.22 15.34 6.03
CA ILE B 69 9.54 15.94 5.93
C ILE B 69 10.46 14.97 5.19
N ALA B 70 11.05 15.44 4.09
CA ALA B 70 11.96 14.64 3.29
C ALA B 70 13.37 15.19 3.43
N THR B 71 14.33 14.32 3.77
CA THR B 71 15.63 14.87 4.12
C THR B 71 16.74 13.84 3.91
N ASP B 72 17.95 14.36 3.69
CA ASP B 72 19.13 13.51 3.62
C ASP B 72 20.09 13.79 4.78
N LYS B 73 19.63 14.51 5.81
CA LYS B 73 20.47 14.89 6.94
C LYS B 73 19.98 14.20 8.21
N GLU B 74 20.92 13.57 8.93
CA GLU B 74 20.54 12.85 10.15
C GLU B 74 20.00 13.79 11.21
N ASP B 75 20.60 14.97 11.37
CA ASP B 75 20.17 15.86 12.44
C ASP B 75 18.76 16.38 12.22
N VAL B 76 18.29 16.40 10.96
CA VAL B 76 16.88 16.67 10.71
C VAL B 76 16.05 15.40 10.94
N ALA B 77 16.53 14.27 10.42
CA ALA B 77 15.70 13.08 10.36
C ALA B 77 15.35 12.55 11.75
N PHE B 78 16.27 12.66 12.70
CA PHE B 78 16.14 11.94 13.95
C PHE B 78 15.62 12.80 15.09
N LYS B 79 15.31 14.07 14.83
CA LYS B 79 14.88 14.97 15.90
C LYS B 79 13.55 14.52 16.50
N ASP B 80 13.54 14.33 17.81
CA ASP B 80 12.31 14.18 18.60
C ASP B 80 11.46 13.00 18.13
N LEU B 81 12.10 11.96 17.61
CA LEU B 81 11.36 10.82 17.08
C LEU B 81 10.66 10.03 18.18
N ASP B 82 9.45 9.58 17.87
CA ASP B 82 8.77 8.54 18.65
C ASP B 82 9.00 7.14 18.09
N VAL B 83 9.16 7.02 16.77
CA VAL B 83 9.37 5.74 16.09
C VAL B 83 10.40 5.98 14.98
N ALA B 84 11.33 5.03 14.80
CA ALA B 84 12.29 5.05 13.72
C ALA B 84 12.26 3.70 13.04
N ILE B 85 11.88 3.66 11.76
CA ILE B 85 11.88 2.41 11.00
C ILE B 85 13.05 2.45 10.04
N LEU B 86 14.08 1.64 10.32
CA LEU B 86 15.37 1.72 9.62
C LEU B 86 15.34 0.71 8.48
N VAL B 87 14.78 1.12 7.35
CA VAL B 87 14.67 0.25 6.19
C VAL B 87 15.95 0.26 5.38
N GLY B 88 16.55 1.43 5.22
CA GLY B 88 17.69 1.55 4.31
C GLY B 88 18.95 0.90 4.88
N SER B 89 19.59 0.06 4.08
CA SER B 89 20.97 -0.35 4.36
C SER B 89 21.73 -0.34 3.05
N MET B 90 23.00 -0.69 3.13
CA MET B 90 23.81 -0.84 1.93
C MET B 90 23.45 -2.14 1.24
N PRO B 91 22.94 -2.13 0.01
CA PRO B 91 22.78 -3.36 -0.74
C PRO B 91 24.11 -3.81 -1.31
N ARG B 92 24.26 -5.11 -1.46
CA ARG B 92 25.53 -5.67 -1.94
C ARG B 92 25.57 -5.58 -3.47
N ARG B 93 26.55 -4.83 -3.99
CA ARG B 93 26.79 -4.79 -5.43
C ARG B 93 27.42 -6.10 -5.89
N GLU B 94 27.19 -6.43 -7.17
CA GLU B 94 27.78 -7.63 -7.75
C GLU B 94 29.29 -7.61 -7.57
N GLY B 95 29.84 -8.73 -7.11
CA GLY B 95 31.26 -8.95 -6.85
C GLY B 95 31.78 -8.18 -5.64
N MET B 96 30.91 -7.70 -4.75
CA MET B 96 31.35 -7.01 -3.54
C MET B 96 31.74 -8.03 -2.48
N GLU B 97 32.97 -7.95 -2.00
CA GLU B 97 33.40 -8.84 -0.92
C GLU B 97 32.65 -8.47 0.35
N ARG B 98 32.29 -9.49 1.13
CA ARG B 98 31.43 -9.22 2.28
C ARG B 98 32.13 -8.40 3.35
N LYS B 99 33.47 -8.38 3.35
CA LYS B 99 34.16 -7.48 4.27
C LYS B 99 33.78 -6.03 3.99
N ASP B 100 33.78 -5.65 2.71
CA ASP B 100 33.37 -4.29 2.37
C ASP B 100 31.89 -4.03 2.68
N LEU B 101 31.02 -5.03 2.52
CA LEU B 101 29.61 -4.84 2.81
C LEU B 101 29.37 -4.68 4.31
N LEU B 102 30.03 -5.51 5.13
CA LEU B 102 29.90 -5.37 6.56
C LEU B 102 30.41 -4.03 7.05
N LYS B 103 31.47 -3.51 6.41
CA LYS B 103 31.98 -2.20 6.80
C LYS B 103 31.00 -1.09 6.41
N ALA B 104 30.39 -1.19 5.23
CA ALA B 104 29.43 -0.18 4.79
C ALA B 104 28.24 -0.12 5.74
N ASN B 105 27.73 -1.27 6.16
CA ASN B 105 26.53 -1.27 7.00
C ASN B 105 26.84 -0.91 8.44
N VAL B 106 27.98 -1.35 8.97
CA VAL B 106 28.37 -0.91 10.32
C VAL B 106 28.46 0.61 10.36
N LYS B 107 29.05 1.21 9.31
CA LYS B 107 29.15 2.66 9.26
C LYS B 107 27.78 3.32 9.28
N ILE B 108 26.83 2.78 8.51
CA ILE B 108 25.50 3.37 8.41
C ILE B 108 24.81 3.33 9.78
N PHE B 109 24.84 2.18 10.43
CA PHE B 109 24.03 1.99 11.61
C PHE B 109 24.71 2.49 12.88
N LYS B 110 26.04 2.57 12.88
CA LYS B 110 26.74 3.31 13.93
C LYS B 110 26.35 4.79 13.89
N SER B 111 26.33 5.37 12.69
CA SER B 111 25.92 6.76 12.52
C SER B 111 24.46 6.96 12.94
N GLN B 112 23.56 6.07 12.50
CA GLN B 112 22.15 6.24 12.82
C GLN B 112 21.89 5.99 14.31
N GLY B 113 22.61 5.04 14.92
CA GLY B 113 22.54 4.88 16.35
C GLY B 113 23.00 6.12 17.11
N ALA B 114 24.11 6.71 16.66
CA ALA B 114 24.57 7.94 17.27
C ALA B 114 23.53 9.06 17.14
N ALA B 115 22.84 9.13 15.97
CA ALA B 115 21.81 10.13 15.77
C ALA B 115 20.60 9.88 16.66
N LEU B 116 20.17 8.61 16.77
CA LEU B 116 19.16 8.25 17.77
C LEU B 116 19.59 8.70 19.16
N ASP B 117 20.85 8.42 19.52
CA ASP B 117 21.34 8.71 20.87
C ASP B 117 21.38 10.20 21.17
N LYS B 118 21.50 11.05 20.16
CA LYS B 118 21.66 12.48 20.37
C LYS B 118 20.38 13.26 20.12
N TYR B 119 19.54 12.84 19.18
CA TYR B 119 18.44 13.67 18.71
C TYR B 119 17.05 13.16 19.06
N ALA B 120 16.85 11.85 19.15
CA ALA B 120 15.50 11.32 19.29
C ALA B 120 15.00 11.43 20.73
N LYS B 121 13.71 11.15 20.93
CA LYS B 121 13.23 10.90 22.29
C LYS B 121 13.93 9.68 22.88
N LYS B 122 14.16 9.70 24.20
CA LYS B 122 14.77 8.52 24.83
C LYS B 122 13.80 7.35 24.86
N SER B 123 12.51 7.61 24.66
CA SER B 123 11.48 6.60 24.57
C SER B 123 11.27 6.06 23.15
N VAL B 124 12.13 6.45 22.20
CA VAL B 124 11.92 6.05 20.81
C VAL B 124 11.89 4.53 20.69
N LYS B 125 11.00 4.03 19.84
CA LYS B 125 10.97 2.64 19.43
C LYS B 125 11.68 2.54 18.08
N VAL B 126 12.64 1.63 17.97
CA VAL B 126 13.46 1.48 16.77
C VAL B 126 13.22 0.10 16.21
N ILE B 127 12.86 0.03 14.93
CA ILE B 127 12.56 -1.22 14.25
C ILE B 127 13.48 -1.29 13.04
N VAL B 128 14.33 -2.31 13.00
CA VAL B 128 15.35 -2.44 11.95
C VAL B 128 14.90 -3.47 10.92
N VAL B 129 14.86 -3.04 9.65
CA VAL B 129 14.39 -3.86 8.54
C VAL B 129 15.51 -4.17 7.54
N GLY B 130 16.35 -3.19 7.24
CA GLY B 130 17.35 -3.38 6.20
C GLY B 130 18.37 -4.44 6.57
N ASN B 131 18.74 -5.23 5.57
CA ASN B 131 19.57 -6.40 5.76
C ASN B 131 21.04 -6.02 5.96
N PRO B 132 21.80 -6.84 6.71
CA PRO B 132 21.42 -7.92 7.64
C PRO B 132 20.77 -7.39 8.92
N ALA B 133 19.45 -7.61 9.02
CA ALA B 133 18.63 -6.89 10.00
C ALA B 133 19.13 -7.04 11.43
N ASN B 134 19.43 -8.28 11.85
CA ASN B 134 19.76 -8.52 13.26
C ASN B 134 21.05 -7.81 13.65
N THR B 135 22.10 -7.98 12.83
CA THR B 135 23.39 -7.38 13.16
C THR B 135 23.37 -5.86 12.99
N ASN B 136 22.66 -5.36 11.98
CA ASN B 136 22.46 -3.92 11.86
C ASN B 136 21.78 -3.34 13.10
N CYS B 137 20.75 -4.03 13.61
CA CYS B 137 20.04 -3.57 14.80
C CYS B 137 20.95 -3.55 16.02
N LEU B 138 21.71 -4.63 16.23
CA LEU B 138 22.67 -4.66 17.33
C LEU B 138 23.69 -3.53 17.21
N THR B 139 24.24 -3.30 16.01
CA THR B 139 25.17 -2.20 15.82
C THR B 139 24.57 -0.87 16.28
N ALA B 140 23.33 -0.58 15.87
CA ALA B 140 22.72 0.70 16.21
C ALA B 140 22.44 0.78 17.70
N SER B 141 22.03 -0.33 18.30
CA SER B 141 21.78 -0.35 19.72
C SER B 141 23.05 -0.03 20.51
N LYS B 142 24.17 -0.68 20.16
CA LYS B 142 25.41 -0.41 20.87
C LYS B 142 25.92 0.99 20.64
N SER B 143 25.51 1.64 19.54
CA SER B 143 25.89 3.00 19.24
C SER B 143 24.92 4.02 19.82
N ALA B 144 23.96 3.56 20.60
CA ALA B 144 22.96 4.42 21.24
C ALA B 144 22.85 4.00 22.70
N PRO B 145 23.88 4.26 23.49
CA PRO B 145 23.86 3.78 24.89
C PRO B 145 22.76 4.39 25.74
N SER B 146 22.27 5.59 25.41
CA SER B 146 21.25 6.19 26.25
C SER B 146 19.83 5.68 25.94
N ILE B 147 19.63 4.94 24.85
CA ILE B 147 18.32 4.37 24.52
C ILE B 147 18.23 2.97 25.12
N PRO B 148 17.17 2.64 25.85
CA PRO B 148 17.06 1.28 26.42
C PRO B 148 17.17 0.22 25.33
N LYS B 149 18.02 -0.78 25.58
CA LYS B 149 18.25 -1.84 24.60
C LYS B 149 16.96 -2.52 24.18
N GLU B 150 15.95 -2.56 25.07
CA GLU B 150 14.65 -3.19 24.79
C GLU B 150 13.82 -2.39 23.80
N ASN B 151 14.22 -1.16 23.51
CA ASN B 151 13.53 -0.34 22.53
C ASN B 151 13.90 -0.70 21.10
N PHE B 152 14.89 -1.55 20.90
CA PHE B 152 15.35 -1.96 19.58
C PHE B 152 14.76 -3.33 19.22
N SER B 153 14.26 -3.45 17.98
CA SER B 153 13.80 -4.73 17.45
C SER B 153 14.11 -4.82 15.96
N CYS B 154 14.12 -6.05 15.46
CA CYS B 154 14.32 -6.23 14.04
C CYS B 154 13.25 -7.17 13.51
N LEU B 155 13.04 -7.07 12.21
CA LEU B 155 11.88 -7.63 11.54
C LEU B 155 12.10 -9.10 11.21
N THR B 156 11.35 -9.98 11.86
CA THR B 156 11.17 -11.33 11.38
C THR B 156 9.71 -11.63 11.10
N ARG B 157 8.84 -10.62 11.17
CA ARG B 157 7.41 -10.83 11.00
C ARG B 157 7.06 -11.28 9.59
N LEU B 158 7.90 -10.95 8.60
CA LEU B 158 7.64 -11.41 7.25
C LEU B 158 7.73 -12.93 7.18
N ASP B 159 8.79 -13.50 7.73
CA ASP B 159 8.90 -14.96 7.78
C ASP B 159 7.86 -15.57 8.70
N HIS B 160 7.50 -14.87 9.78
CA HIS B 160 6.40 -15.31 10.64
C HIS B 160 5.10 -15.40 9.85
N ASN B 161 4.78 -14.34 9.09
CA ASN B 161 3.56 -14.36 8.31
C ASN B 161 3.61 -15.43 7.21
N ARG B 162 4.77 -15.58 6.54
CA ARG B 162 4.93 -16.63 5.55
C ARG B 162 4.71 -18.01 6.16
N ALA B 163 5.22 -18.23 7.36
CA ALA B 163 5.04 -19.50 8.04
C ALA B 163 3.55 -19.76 8.30
N LYS B 164 2.85 -18.75 8.84
CA LYS B 164 1.41 -18.87 9.09
C LYS B 164 0.67 -19.22 7.81
N ALA B 165 1.09 -18.64 6.68
CA ALA B 165 0.38 -18.86 5.44
C ALA B 165 0.58 -20.28 4.92
N GLN B 166 1.76 -20.85 5.15
CA GLN B 166 2.04 -22.21 4.69
C GLN B 166 1.30 -23.24 5.51
N ILE B 167 1.19 -23.01 6.83
CA ILE B 167 0.40 -23.92 7.68
C ILE B 167 -1.07 -23.88 7.25
N ALA B 168 -1.66 -22.67 7.21
CA ALA B 168 -3.07 -22.55 6.83
C ALA B 168 -3.33 -23.17 5.46
N LEU B 169 -2.40 -23.01 4.53
CA LEU B 169 -2.50 -23.63 3.21
C LEU B 169 -2.54 -25.16 3.32
N LYS B 170 -1.63 -25.74 4.11
CA LYS B 170 -1.54 -27.19 4.20
C LYS B 170 -2.71 -27.80 4.96
N LEU B 171 -3.35 -27.05 5.84
CA LEU B 171 -4.50 -27.55 6.57
C LEU B 171 -5.82 -27.03 6.01
N GLY B 172 -5.79 -26.34 4.87
CA GLY B 172 -7.02 -25.88 4.26
C GLY B 172 -7.85 -25.00 5.16
N VAL B 173 -7.20 -24.06 5.87
CA VAL B 173 -7.88 -23.14 6.76
C VAL B 173 -7.44 -21.72 6.42
N THR B 174 -8.15 -20.74 6.97
CA THR B 174 -7.83 -19.35 6.70
C THR B 174 -6.72 -18.86 7.62
N ALA B 175 -6.08 -17.76 7.20
CA ALA B 175 -4.92 -17.24 7.94
C ALA B 175 -5.28 -16.89 9.37
N ASN B 176 -6.50 -16.41 9.60
CA ASN B 176 -6.92 -16.02 10.94
C ASN B 176 -6.94 -17.19 11.92
N ASP B 177 -6.76 -18.42 11.44
CA ASP B 177 -7.06 -19.61 12.24
C ASP B 177 -5.83 -20.33 12.71
N VAL B 178 -4.64 -19.83 12.40
CA VAL B 178 -3.38 -20.34 12.91
C VAL B 178 -2.78 -19.27 13.81
N LYS B 179 -2.23 -19.69 14.95
CA LYS B 179 -1.52 -18.75 15.81
C LYS B 179 -0.31 -19.44 16.40
N ASN B 180 0.60 -18.62 16.92
CA ASN B 180 1.71 -19.07 17.75
C ASN B 180 2.72 -19.92 16.97
N VAL B 181 2.85 -19.68 15.66
CA VAL B 181 4.10 -20.06 15.02
C VAL B 181 5.22 -19.21 15.60
N ILE B 182 6.45 -19.69 15.48
CA ILE B 182 7.62 -18.95 15.96
C ILE B 182 8.69 -18.95 14.88
N ILE B 183 9.31 -17.79 14.68
CA ILE B 183 10.58 -17.69 13.97
C ILE B 183 11.66 -17.46 15.03
N TRP B 184 12.55 -18.43 15.21
CA TRP B 184 13.69 -18.25 16.13
C TRP B 184 14.93 -17.78 15.37
N GLY B 185 15.63 -16.81 15.96
CA GLY B 185 16.99 -16.54 15.53
C GLY B 185 17.17 -15.51 14.44
N ASN B 186 18.03 -15.83 13.48
CA ASN B 186 18.48 -14.85 12.50
C ASN B 186 17.37 -14.56 11.50
N HIS B 187 17.41 -13.35 10.94
CA HIS B 187 16.34 -12.93 10.05
C HIS B 187 16.33 -13.70 8.74
N SER B 188 17.46 -14.29 8.33
CA SER B 188 17.50 -14.99 7.05
C SER B 188 18.40 -16.22 7.16
N SER B 189 18.23 -17.11 6.17
CA SER B 189 19.05 -18.29 5.96
C SER B 189 18.78 -19.37 7.00
N THR B 190 19.26 -19.14 8.22
CA THR B 190 19.23 -20.14 9.28
C THR B 190 18.03 -19.97 10.21
N GLN B 191 17.12 -19.06 9.89
CA GLN B 191 15.92 -18.87 10.70
C GLN B 191 15.22 -20.21 10.91
N TYR B 192 14.79 -20.47 12.15
CA TYR B 192 14.08 -21.71 12.42
C TYR B 192 12.60 -21.42 12.54
N PRO B 193 11.77 -21.83 11.55
CA PRO B 193 10.32 -21.66 11.63
C PRO B 193 9.71 -22.83 12.40
N ASP B 194 9.23 -22.54 13.60
CA ASP B 194 8.87 -23.55 14.57
C ASP B 194 7.37 -23.56 14.79
N VAL B 195 6.73 -24.72 14.62
CA VAL B 195 5.30 -24.82 14.88
C VAL B 195 4.99 -25.81 16.02
N ASN B 196 5.99 -26.16 16.82
CA ASN B 196 5.78 -27.06 17.95
C ASN B 196 4.80 -26.48 18.96
N HIS B 197 4.68 -25.17 19.02
CA HIS B 197 3.79 -24.51 19.98
C HIS B 197 2.63 -23.82 19.28
N ALA B 198 2.40 -24.10 18.01
CA ALA B 198 1.37 -23.41 17.25
C ALA B 198 0.03 -24.14 17.36
N LYS B 199 -1.05 -23.38 17.29
CA LYS B 199 -2.41 -23.89 17.36
C LYS B 199 -3.15 -23.57 16.08
N VAL B 200 -4.13 -24.39 15.76
CA VAL B 200 -5.03 -24.14 14.63
C VAL B 200 -6.44 -24.57 15.04
N LYS B 201 -7.44 -23.79 14.60
CA LYS B 201 -8.84 -24.10 14.89
C LYS B 201 -9.42 -24.90 13.73
N LEU B 202 -9.96 -26.08 14.04
CA LEU B 202 -10.58 -26.95 13.02
C LEU B 202 -12.10 -27.14 13.28
N LYS B 205 -11.96 -28.03 18.73
CA LYS B 205 -11.77 -26.99 17.72
C LYS B 205 -10.30 -26.58 17.63
N GLU B 206 -9.70 -26.14 18.74
CA GLU B 206 -8.31 -25.70 18.77
C GLU B 206 -7.38 -26.88 19.00
N VAL B 207 -6.47 -27.13 18.06
CA VAL B 207 -5.59 -28.30 18.11
C VAL B 207 -4.17 -27.92 17.71
N GLY B 208 -3.19 -28.61 18.29
CA GLY B 208 -1.81 -28.41 17.90
C GLY B 208 -1.57 -28.72 16.43
N VAL B 209 -0.61 -28.01 15.84
CA VAL B 209 -0.37 -28.12 14.41
C VAL B 209 0.23 -29.49 14.08
N TYR B 210 1.18 -29.96 14.89
CA TYR B 210 1.75 -31.28 14.67
C TYR B 210 0.68 -32.35 14.72
N GLU B 211 -0.27 -32.21 15.66
CA GLU B 211 -1.34 -33.18 15.82
C GLU B 211 -2.38 -33.05 14.72
N ALA B 212 -2.66 -31.82 14.27
CA ALA B 212 -3.61 -31.61 13.20
C ALA B 212 -3.09 -32.18 11.87
N LEU B 213 -1.83 -31.92 11.56
CA LEU B 213 -1.32 -32.30 10.24
C LEU B 213 -0.91 -33.77 10.19
N LYS B 214 -0.30 -34.29 11.26
CA LYS B 214 0.18 -35.68 11.32
C LYS B 214 1.16 -35.97 10.17
N ASP B 215 2.20 -35.14 10.07
CA ASP B 215 3.23 -35.28 9.04
C ASP B 215 4.52 -34.62 9.55
N ASP B 216 5.16 -35.28 10.52
CA ASP B 216 6.32 -34.70 11.19
C ASP B 216 7.44 -34.35 10.21
N SER B 217 7.65 -35.15 9.16
CA SER B 217 8.79 -34.92 8.29
C SER B 217 8.58 -33.70 7.39
N TRP B 218 7.36 -33.48 6.91
CA TRP B 218 7.10 -32.26 6.15
C TRP B 218 7.31 -31.02 7.01
N LEU B 219 6.82 -31.06 8.25
CA LEU B 219 6.96 -29.90 9.14
C LEU B 219 8.41 -29.63 9.48
N LYS B 220 9.22 -30.69 9.63
CA LYS B 220 10.63 -30.56 9.91
C LYS B 220 11.49 -30.40 8.67
N GLY B 221 10.96 -30.69 7.49
CA GLY B 221 11.73 -30.61 6.26
C GLY B 221 11.25 -29.56 5.28
N GLU B 222 10.29 -29.92 4.43
CA GLU B 222 9.86 -29.05 3.34
C GLU B 222 9.30 -27.72 3.85
N PHE B 223 8.55 -27.75 4.96
CA PHE B 223 8.02 -26.51 5.52
C PHE B 223 9.15 -25.55 5.88
N VAL B 224 10.20 -26.07 6.52
CA VAL B 224 11.34 -25.24 6.96
C VAL B 224 12.07 -24.64 5.77
N THR B 225 12.41 -25.45 4.77
CA THR B 225 13.13 -24.92 3.62
C THR B 225 12.24 -24.03 2.76
N THR B 226 10.93 -24.31 2.67
CA THR B 226 10.03 -23.41 1.94
C THR B 226 10.05 -22.02 2.54
N VAL B 227 10.01 -21.91 3.87
CA VAL B 227 9.96 -20.60 4.51
C VAL B 227 11.32 -19.92 4.40
N GLN B 228 12.40 -20.66 4.65
CA GLN B 228 13.74 -20.08 4.54
C GLN B 228 14.02 -19.54 3.15
N GLN B 229 13.45 -20.16 2.11
CA GLN B 229 13.78 -19.79 0.73
C GLN B 229 12.69 -18.95 0.06
N ARG B 230 11.66 -18.56 0.81
CA ARG B 230 10.49 -17.93 0.20
C ARG B 230 10.83 -16.59 -0.45
N GLY B 231 11.69 -15.79 0.20
CA GLY B 231 12.03 -14.49 -0.35
C GLY B 231 12.82 -14.60 -1.65
N ALA B 232 13.68 -15.62 -1.75
CA ALA B 232 14.42 -15.83 -3.00
C ALA B 232 13.49 -16.29 -4.11
N ALA B 233 12.44 -17.05 -3.77
CA ALA B 233 11.46 -17.47 -4.76
C ALA B 233 10.65 -16.30 -5.30
N VAL B 234 10.23 -15.38 -4.42
CA VAL B 234 9.48 -14.21 -4.88
C VAL B 234 10.35 -13.33 -5.78
N ILE B 235 11.60 -13.12 -5.42
CA ILE B 235 12.49 -12.31 -6.24
C ILE B 235 12.72 -12.95 -7.60
N LYS B 236 12.89 -14.27 -7.65
CA LYS B 236 13.01 -14.94 -8.94
C LYS B 236 11.81 -14.68 -9.83
N ALA B 237 10.61 -14.66 -9.25
CA ALA B 237 9.41 -14.52 -10.08
C ALA B 237 9.15 -13.07 -10.44
N ARG B 238 9.16 -12.18 -9.46
CA ARG B 238 8.86 -10.79 -9.75
C ARG B 238 10.04 -10.04 -10.33
N LYS B 239 11.26 -10.56 -10.12
CA LYS B 239 12.53 -9.96 -10.55
C LYS B 239 12.81 -8.69 -9.77
N LEU B 240 11.81 -8.14 -9.11
CA LEU B 240 11.98 -6.95 -8.31
C LEU B 240 11.75 -7.27 -6.83
N SER B 241 11.34 -6.29 -6.06
CA SER B 241 11.33 -6.42 -4.61
C SER B 241 10.26 -7.40 -4.15
N SER B 242 10.26 -7.66 -2.85
CA SER B 242 9.15 -8.30 -2.14
C SER B 242 8.44 -7.29 -1.25
N ALA B 243 8.26 -6.08 -1.76
CA ALA B 243 7.94 -4.92 -0.93
C ALA B 243 6.53 -4.97 -0.34
N MET B 244 5.55 -5.48 -1.09
CA MET B 244 4.17 -5.48 -0.60
C MET B 244 4.04 -6.29 0.70
N SER B 245 4.56 -7.52 0.72
CA SER B 245 4.41 -8.33 1.92
C SER B 245 5.39 -7.92 3.02
N ALA B 246 6.56 -7.40 2.65
CA ALA B 246 7.48 -6.88 3.68
C ALA B 246 6.88 -5.67 4.39
N ALA B 247 6.21 -4.79 3.64
CA ALA B 247 5.58 -3.61 4.24
C ALA B 247 4.41 -4.01 5.14
N LYS B 248 3.58 -4.94 4.69
CA LYS B 248 2.53 -5.48 5.56
C LYS B 248 3.12 -6.02 6.87
N ALA B 249 4.22 -6.77 6.79
CA ALA B 249 4.84 -7.32 7.99
C ALA B 249 5.34 -6.22 8.93
N ILE B 250 6.00 -5.20 8.36
CA ILE B 250 6.44 -4.06 9.17
C ILE B 250 5.25 -3.45 9.90
N CYS B 251 4.13 -3.25 9.20
CA CYS B 251 2.93 -2.72 9.83
C CYS B 251 2.45 -3.63 10.96
N ASP B 252 2.41 -4.94 10.72
CA ASP B 252 1.98 -5.87 11.76
C ASP B 252 2.92 -5.79 12.97
N HIS B 253 4.23 -5.67 12.72
CA HIS B 253 5.22 -5.62 13.79
C HIS B 253 5.05 -4.36 14.64
N VAL B 254 4.93 -3.19 13.98
CA VAL B 254 4.80 -1.92 14.69
C VAL B 254 3.44 -1.80 15.36
N ARG B 255 2.38 -2.27 14.68
CA ARG B 255 1.06 -2.29 15.29
C ARG B 255 1.08 -3.10 16.59
N ASP B 256 1.71 -4.27 16.57
CA ASP B 256 1.70 -5.12 17.75
C ASP B 256 2.53 -4.51 18.88
N ILE B 257 3.55 -3.72 18.56
CA ILE B 257 4.21 -2.92 19.60
C ILE B 257 3.25 -1.87 20.15
N TRP B 258 2.55 -1.16 19.26
CA TRP B 258 1.79 0.02 19.66
C TRP B 258 0.55 -0.36 20.45
N PHE B 259 -0.09 -1.47 20.10
CA PHE B 259 -1.36 -1.86 20.68
C PHE B 259 -1.28 -3.14 21.50
N GLY B 260 -0.29 -3.97 21.27
CA GLY B 260 -0.11 -5.17 22.04
C GLY B 260 -0.57 -6.40 21.29
N THR B 261 -0.13 -7.55 21.78
CA THR B 261 -0.52 -8.82 21.19
C THR B 261 -1.90 -9.25 21.71
N PRO B 262 -2.70 -9.93 20.89
CA PRO B 262 -4.01 -10.40 21.35
C PRO B 262 -3.90 -11.45 22.43
N GLU B 263 -4.99 -11.62 23.19
CA GLU B 263 -5.02 -12.59 24.27
C GLU B 263 -4.77 -14.01 23.76
N GLY B 264 -3.90 -14.74 24.46
CA GLY B 264 -3.49 -16.09 24.13
C GLY B 264 -2.48 -16.22 23.00
N GLU B 265 -2.00 -15.11 22.42
CA GLU B 265 -1.15 -15.14 21.25
C GLU B 265 0.20 -14.50 21.52
N PHE B 266 1.26 -15.05 20.93
CA PHE B 266 2.52 -14.35 20.86
C PHE B 266 2.93 -14.17 19.40
N VAL B 267 3.97 -13.35 19.19
CA VAL B 267 4.48 -13.04 17.86
C VAL B 267 6.00 -13.08 17.88
N SER B 268 6.60 -13.13 16.69
CA SER B 268 8.04 -13.23 16.53
C SER B 268 8.66 -11.86 16.33
N MET B 269 9.72 -11.59 17.09
CA MET B 269 10.40 -10.30 17.06
C MET B 269 11.86 -10.55 17.37
N GLY B 270 12.76 -10.02 16.54
CA GLY B 270 14.16 -9.93 16.93
C GLY B 270 14.30 -8.95 18.08
N VAL B 271 14.79 -9.39 19.24
CA VAL B 271 15.04 -8.51 20.38
C VAL B 271 16.37 -8.88 21.02
N ILE B 272 16.86 -7.98 21.88
CA ILE B 272 18.09 -8.25 22.64
C ILE B 272 17.89 -9.50 23.50
N SER B 273 18.86 -10.42 23.43
CA SER B 273 18.68 -11.76 23.98
C SER B 273 18.95 -11.85 25.48
N ASP B 274 19.40 -10.76 26.11
CA ASP B 274 19.85 -10.79 27.50
C ASP B 274 18.82 -11.45 28.42
N GLY B 275 19.28 -12.43 29.20
CA GLY B 275 18.45 -13.06 30.20
C GLY B 275 17.45 -14.08 29.69
N ASN B 276 17.52 -14.45 28.42
CA ASN B 276 16.60 -15.46 27.91
C ASN B 276 16.93 -16.82 28.54
N SER B 277 15.93 -17.68 28.59
CA SER B 277 16.06 -18.99 29.23
C SER B 277 16.06 -20.13 28.21
N TYR B 278 16.49 -19.85 26.98
CA TYR B 278 16.44 -20.87 25.92
C TYR B 278 17.83 -21.29 25.47
N GLY B 279 18.88 -20.92 26.22
CA GLY B 279 20.22 -21.33 25.89
C GLY B 279 20.85 -20.59 24.74
N VAL B 280 20.30 -19.42 24.42
CA VAL B 280 20.81 -18.55 23.36
C VAL B 280 21.82 -17.61 24.03
N PRO B 281 22.97 -17.35 23.40
CA PRO B 281 23.92 -16.39 23.96
C PRO B 281 23.26 -15.05 24.26
N ASP B 282 23.73 -14.41 25.33
CA ASP B 282 23.31 -13.04 25.63
C ASP B 282 23.97 -12.06 24.64
N ASP B 283 23.52 -10.81 24.72
CA ASP B 283 23.97 -9.72 23.84
C ASP B 283 23.94 -10.12 22.36
N LEU B 284 22.91 -10.86 21.98
CA LEU B 284 22.57 -11.10 20.58
C LEU B 284 21.23 -10.46 20.30
N LEU B 285 21.05 -10.02 19.07
CA LEU B 285 19.73 -9.67 18.56
C LEU B 285 19.15 -10.88 17.85
N TYR B 286 18.12 -11.48 18.44
CA TYR B 286 17.72 -12.84 18.12
C TYR B 286 16.21 -12.91 18.16
N SER B 287 15.60 -13.55 17.18
CA SER B 287 14.14 -13.60 17.16
C SER B 287 13.62 -14.58 18.20
N PHE B 288 12.73 -14.10 19.05
CA PHE B 288 12.08 -14.89 20.09
C PHE B 288 10.57 -14.77 19.98
N PRO B 289 9.82 -15.70 20.58
CA PRO B 289 8.38 -15.47 20.78
C PRO B 289 8.17 -14.46 21.91
N VAL B 290 7.31 -13.47 21.67
CA VAL B 290 7.10 -12.41 22.64
C VAL B 290 5.62 -12.07 22.73
N VAL B 291 5.21 -11.61 23.92
CA VAL B 291 3.94 -10.94 24.16
C VAL B 291 4.24 -9.48 24.47
N ILE B 292 3.33 -8.60 24.06
CA ILE B 292 3.54 -7.17 24.17
C ILE B 292 2.34 -6.52 24.84
N LYS B 293 2.60 -5.71 25.88
CA LYS B 293 1.57 -4.95 26.55
C LYS B 293 2.12 -3.57 26.91
N ASN B 294 1.34 -2.52 26.66
CA ASN B 294 1.75 -1.15 26.96
C ASN B 294 3.08 -0.80 26.29
N LYS B 295 3.26 -1.28 25.05
CA LYS B 295 4.44 -1.02 24.23
C LYS B 295 5.71 -1.66 24.77
N THR B 296 5.58 -2.66 25.64
CA THR B 296 6.72 -3.33 26.23
C THR B 296 6.62 -4.82 25.98
N TRP B 297 7.60 -5.38 25.27
CA TRP B 297 7.58 -6.82 25.04
C TRP B 297 8.14 -7.59 26.23
N LYS B 298 7.84 -8.88 26.25
CA LYS B 298 8.46 -9.78 27.22
C LYS B 298 8.51 -11.18 26.62
N PHE B 299 9.55 -11.93 27.01
CA PHE B 299 9.74 -13.27 26.48
C PHE B 299 8.59 -14.17 26.87
N VAL B 300 8.20 -15.05 25.95
CA VAL B 300 7.34 -16.17 26.30
C VAL B 300 8.25 -17.26 26.85
N GLU B 301 8.11 -17.55 28.14
CA GLU B 301 9.06 -18.40 28.85
C GLU B 301 8.49 -19.81 29.04
N GLY B 302 9.39 -20.76 29.27
CA GLY B 302 8.98 -22.11 29.62
C GLY B 302 8.47 -22.98 28.49
N LEU B 303 8.68 -22.60 27.24
CA LEU B 303 8.25 -23.44 26.13
C LEU B 303 9.15 -24.67 26.04
N PRO B 304 8.60 -25.88 25.92
CA PRO B 304 9.46 -27.07 25.84
C PRO B 304 10.22 -27.10 24.52
N ILE B 305 11.51 -27.38 24.60
CA ILE B 305 12.38 -27.42 23.43
C ILE B 305 12.79 -28.88 23.21
N ASN B 306 12.32 -29.49 22.11
CA ASN B 306 12.74 -30.86 21.80
C ASN B 306 14.12 -30.84 21.15
N ASP B 307 14.64 -32.04 20.81
CA ASP B 307 16.01 -32.17 20.35
C ASP B 307 16.22 -31.49 19.01
N PHE B 308 15.26 -31.65 18.09
CA PHE B 308 15.34 -31.04 16.76
C PHE B 308 15.38 -29.52 16.87
N SER B 309 14.50 -28.95 17.70
CA SER B 309 14.42 -27.50 17.83
C SER B 309 15.70 -26.93 18.43
N ARG B 310 16.26 -27.63 19.44
CA ARG B 310 17.50 -27.21 20.09
C ARG B 310 18.65 -27.07 19.09
N GLU B 311 18.75 -28.01 18.14
CA GLU B 311 19.78 -27.93 17.13
C GLU B 311 19.54 -26.74 16.19
N LYS B 312 18.30 -26.56 15.74
CA LYS B 312 17.99 -25.42 14.87
C LYS B 312 18.25 -24.09 15.57
N MET B 313 17.81 -23.95 16.84
CA MET B 313 18.07 -22.70 17.56
C MET B 313 19.56 -22.46 17.83
N ASP B 314 20.36 -23.53 18.00
CA ASP B 314 21.78 -23.33 18.24
C ASP B 314 22.53 -22.94 16.95
N LEU B 315 22.08 -23.44 15.81
CA LEU B 315 22.76 -23.15 14.56
C LEU B 315 22.54 -21.69 14.15
N THR B 316 21.32 -21.18 14.31
CA THR B 316 21.10 -19.79 13.96
C THR B 316 21.77 -18.87 14.97
N ALA B 317 21.80 -19.27 16.25
CA ALA B 317 22.62 -18.55 17.22
C ALA B 317 24.08 -18.48 16.77
N LYS B 318 24.61 -19.59 16.24
CA LYS B 318 26.00 -19.61 15.79
C LYS B 318 26.21 -18.66 14.61
N GLU B 319 25.29 -18.65 13.65
CA GLU B 319 25.38 -17.69 12.55
C GLU B 319 25.45 -16.26 13.08
N LEU B 320 24.57 -15.92 14.02
CA LEU B 320 24.53 -14.55 14.55
C LEU B 320 25.81 -14.22 15.32
N THR B 321 26.33 -15.18 16.07
CA THR B 321 27.58 -14.96 16.80
C THR B 321 28.73 -14.67 15.85
N GLU B 322 28.84 -15.45 14.77
CA GLU B 322 29.90 -15.24 13.79
C GLU B 322 29.72 -13.90 13.07
N GLU B 323 28.47 -13.52 12.77
CA GLU B 323 28.19 -12.23 12.15
C GLU B 323 28.60 -11.09 13.05
N LYS B 324 28.29 -11.21 14.35
CA LYS B 324 28.60 -10.15 15.31
C LYS B 324 30.11 -9.98 15.48
N GLU B 325 30.85 -11.08 15.61
CA GLU B 325 32.31 -10.99 15.66
C GLU B 325 32.88 -10.37 14.39
N SER B 326 32.40 -10.78 13.21
CA SER B 326 32.94 -10.27 11.96
C SER B 326 32.67 -8.78 11.77
N ALA B 327 31.45 -8.33 12.06
CA ALA B 327 31.10 -6.93 11.80
C ALA B 327 31.77 -6.00 12.79
N PHE B 328 31.94 -6.43 14.04
CA PHE B 328 32.45 -5.53 15.07
C PHE B 328 33.95 -5.33 15.00
N GLU B 329 34.65 -6.11 14.14
CA GLU B 329 35.99 -5.73 13.74
C GLU B 329 36.01 -4.34 13.10
N PHE B 330 34.86 -3.88 12.60
CA PHE B 330 34.69 -2.52 12.09
C PHE B 330 33.92 -1.66 13.11
#